data_5ENN
#
_entry.id   5ENN
#
_cell.length_a   113.726
_cell.length_b   114.481
_cell.length_c   143.903
_cell.angle_alpha   90.00
_cell.angle_beta   90.00
_cell.angle_gamma   90.00
#
_symmetry.space_group_name_H-M   'P 21 21 21'
#
loop_
_entity.id
_entity.type
_entity.pdbx_description
1 polymer 'Phosphatidylinositol 3-kinase catalytic subunit type 3'
2 non-polymer 1-[[4-(cyclopropylmethyl)-5-[2-(pyridin-4-ylamino)pyrimidin-4-yl]pyrimidin-2-yl]amino]-2-methyl-propan-2-ol
3 non-polymer 'SODIUM ION'
4 non-polymer GLYCEROL
5 non-polymer 'SULFATE ION'
6 water water
#
_entity_poly.entity_id   1
_entity_poly.type   'polypeptide(L)'
_entity_poly.pdbx_seq_one_letter_code
;MSYYHHHHHHDYDIPTTENLYFQGAMGSGIRDQLNIIVSYPPTKQLTYEEQDLVWKFRYYLTNQEKALTKFLKCVNWDLP
QEAKQALELLGKWKPMDVEDSLELLSSHYTNPTVRRYAVARLRQADDEDLLMYLLQLVQALKYENFDDIKNGLEPTKKDS
QSSVSENVSNSGINSAEIDSSQIITSPLPSVSSPPPASKTKEVPDGENLEQDLCTFLISRACKNSTLANYLYWYVIVECE
DQDTQQRDPKTHEMYLNVMRRFSQALLKGDKSVRVMRSLLAAQQTFVDRLVHLMKAVQRESGNRKKKNERLQALLGDNEK
MNLSDVELIPLPLEPQVKIRGIIPETATLFKSALMPAQLFFKTEDGGKYPVIFKHGDDLRQDQLILQIISLMDKLLRKEN
LDLKLTPYKVLATSTKHGFMQFIQSVPVAEVLDTEGSIQNFFRKYAPSENGPNGISAEVMDTYVKSCAGYCVITYILGVG
DRHLDNLLLTKTGKLFHIDFGYILGRDPKPLPPPMKLNKEMVEGMGGTQSEQYQEFRKQCYTAFLHLRRYSNLILNLFSL
MVDANIPDIALEPDKTVKKVQDKFRLDLSDEEAVHYMQSLIDESVHALFAAVVEQIHKFAQYWRK
;
_entity_poly.pdbx_strand_id   A,B
#
# COMPACT_ATOMS: atom_id res chain seq x y z
N ARG A 31 -1.52 -48.44 8.88
CA ARG A 31 -0.69 -48.58 10.08
C ARG A 31 0.27 -47.39 10.27
N ASP A 32 0.87 -47.29 11.48
CA ASP A 32 1.82 -46.23 11.88
C ASP A 32 3.07 -46.18 11.00
N GLN A 33 3.52 -47.34 10.48
CA GLN A 33 4.70 -47.46 9.59
C GLN A 33 4.48 -46.72 8.27
N LEU A 34 3.21 -46.53 7.86
CA LEU A 34 2.86 -45.79 6.65
C LEU A 34 2.92 -44.28 6.92
N ASN A 35 2.37 -43.84 8.08
CA ASN A 35 2.37 -42.43 8.49
C ASN A 35 3.77 -41.86 8.76
N ILE A 36 4.75 -42.71 9.14
CA ILE A 36 6.13 -42.29 9.32
C ILE A 36 6.79 -42.10 7.93
N ILE A 37 6.37 -42.91 6.93
CA ILE A 37 6.86 -42.84 5.54
C ILE A 37 6.33 -41.62 4.77
N VAL A 38 5.07 -41.23 4.99
CA VAL A 38 4.47 -40.07 4.29
C VAL A 38 4.91 -38.72 4.93
N SER A 39 5.27 -38.75 6.23
CA SER A 39 5.73 -37.56 6.99
C SER A 39 7.07 -37.02 6.50
N TYR A 40 7.89 -37.89 5.86
CA TYR A 40 9.21 -37.62 5.31
C TYR A 40 9.33 -36.27 4.56
N PRO A 41 10.51 -35.61 4.63
CA PRO A 41 10.71 -34.38 3.83
C PRO A 41 10.67 -34.73 2.33
N PRO A 42 10.33 -33.78 1.43
CA PRO A 42 10.26 -34.11 -0.01
C PRO A 42 11.49 -34.77 -0.65
N THR A 43 12.67 -34.55 -0.05
CA THR A 43 13.99 -34.98 -0.50
C THR A 43 14.48 -36.25 0.17
N LYS A 44 13.82 -36.69 1.24
CA LYS A 44 14.19 -37.93 1.91
C LYS A 44 13.91 -39.08 0.92
N GLN A 45 15.01 -39.71 0.48
CA GLN A 45 15.07 -40.82 -0.48
C GLN A 45 14.62 -42.12 0.16
N LEU A 46 13.43 -42.63 -0.25
CA LEU A 46 12.84 -43.87 0.25
C LEU A 46 13.67 -45.10 -0.12
N THR A 47 13.79 -46.06 0.82
CA THR A 47 14.53 -47.30 0.54
C THR A 47 13.67 -48.19 -0.34
N TYR A 48 14.28 -49.24 -0.95
CA TYR A 48 13.59 -50.23 -1.77
C TYR A 48 12.51 -50.92 -0.94
N GLU A 49 12.82 -51.23 0.33
CA GLU A 49 11.97 -51.82 1.36
C GLU A 49 10.77 -50.89 1.65
N GLU A 50 11.02 -49.56 1.64
CA GLU A 50 10.03 -48.52 1.91
C GLU A 50 9.20 -48.19 0.71
N GLN A 51 9.74 -48.49 -0.49
CA GLN A 51 9.06 -48.22 -1.74
C GLN A 51 7.96 -49.24 -1.97
N ASP A 52 8.35 -50.53 -1.98
CA ASP A 52 7.48 -51.69 -2.18
C ASP A 52 6.36 -51.80 -1.12
N LEU A 53 6.44 -50.97 -0.06
CA LEU A 53 5.45 -50.90 1.02
C LEU A 53 4.37 -49.89 0.62
N VAL A 54 4.77 -48.68 0.16
CA VAL A 54 3.84 -47.62 -0.29
C VAL A 54 3.10 -48.13 -1.51
N TRP A 55 3.84 -48.81 -2.39
CA TRP A 55 3.30 -49.42 -3.58
C TRP A 55 2.14 -50.40 -3.26
N LYS A 56 2.39 -51.37 -2.37
CA LYS A 56 1.41 -52.39 -1.98
C LYS A 56 0.09 -51.77 -1.46
N PHE A 57 0.19 -50.74 -0.61
CA PHE A 57 -0.97 -50.09 -0.01
C PHE A 57 -1.50 -48.83 -0.76
N ARG A 58 -1.08 -48.62 -2.03
CA ARG A 58 -1.43 -47.46 -2.87
C ARG A 58 -2.95 -47.12 -2.94
N TYR A 59 -3.79 -48.14 -3.02
CA TYR A 59 -5.24 -47.98 -3.11
C TYR A 59 -5.88 -47.54 -1.79
N TYR A 60 -5.20 -47.82 -0.65
CA TYR A 60 -5.60 -47.42 0.70
C TYR A 60 -5.04 -46.00 1.06
N LEU A 61 -4.19 -45.41 0.20
CA LEU A 61 -3.58 -44.09 0.42
C LEU A 61 -4.18 -43.02 -0.49
N THR A 62 -5.12 -43.39 -1.37
CA THR A 62 -5.72 -42.52 -2.38
C THR A 62 -6.42 -41.26 -1.86
N ASN A 63 -6.99 -41.28 -0.64
CA ASN A 63 -7.62 -40.04 -0.14
C ASN A 63 -6.69 -39.29 0.86
N GLN A 64 -5.42 -39.72 0.93
CA GLN A 64 -4.38 -39.11 1.75
C GLN A 64 -3.56 -38.23 0.80
N GLU A 65 -3.76 -36.91 0.95
CA GLU A 65 -3.14 -35.83 0.19
C GLU A 65 -1.61 -35.95 0.09
N LYS A 66 -0.90 -36.08 1.24
CA LYS A 66 0.56 -36.10 1.34
C LYS A 66 1.20 -37.49 1.10
N ALA A 67 0.46 -38.41 0.47
CA ALA A 67 0.95 -39.73 0.14
C ALA A 67 1.31 -39.82 -1.36
N LEU A 68 0.71 -38.94 -2.18
CA LEU A 68 0.87 -38.87 -3.64
C LEU A 68 2.33 -38.72 -4.11
N THR A 69 3.09 -37.75 -3.56
CA THR A 69 4.51 -37.54 -3.92
C THR A 69 5.31 -38.79 -3.61
N LYS A 70 5.09 -39.36 -2.41
CA LYS A 70 5.75 -40.58 -1.94
C LYS A 70 5.43 -41.75 -2.88
N PHE A 71 4.17 -41.82 -3.35
CA PHE A 71 3.71 -42.84 -4.29
C PHE A 71 4.34 -42.66 -5.67
N LEU A 72 4.34 -41.44 -6.22
CA LEU A 72 4.93 -41.15 -7.53
C LEU A 72 6.45 -41.46 -7.60
N LYS A 73 7.11 -41.50 -6.43
CA LYS A 73 8.52 -41.83 -6.26
C LYS A 73 8.70 -43.29 -6.53
N CYS A 74 7.80 -44.12 -5.94
CA CYS A 74 7.74 -45.60 -6.01
C CYS A 74 7.45 -46.17 -7.39
N VAL A 75 6.92 -45.34 -8.31
CA VAL A 75 6.50 -45.82 -9.63
C VAL A 75 7.66 -46.08 -10.58
N ASN A 76 7.65 -47.29 -11.19
CA ASN A 76 8.65 -47.65 -12.18
C ASN A 76 8.17 -47.05 -13.49
N TRP A 77 8.50 -45.76 -13.68
CA TRP A 77 8.13 -44.95 -14.85
C TRP A 77 8.62 -45.49 -16.18
N ASP A 78 9.47 -46.54 -16.16
CA ASP A 78 9.98 -47.17 -17.37
C ASP A 78 9.06 -48.28 -17.85
N LEU A 79 8.47 -49.07 -16.90
CA LEU A 79 7.49 -50.15 -17.14
C LEU A 79 6.13 -49.57 -17.61
N PRO A 80 5.63 -49.91 -18.81
CA PRO A 80 4.38 -49.32 -19.29
C PRO A 80 3.12 -49.56 -18.43
N GLN A 81 2.88 -50.81 -17.98
CA GLN A 81 1.72 -51.23 -17.16
C GLN A 81 1.67 -50.53 -15.79
N GLU A 82 2.85 -50.25 -15.22
CA GLU A 82 3.04 -49.57 -13.95
C GLU A 82 2.71 -48.10 -14.19
N ALA A 83 3.35 -47.49 -15.22
CA ALA A 83 3.14 -46.10 -15.63
C ALA A 83 1.65 -45.86 -15.83
N LYS A 84 0.96 -46.79 -16.56
CA LYS A 84 -0.47 -46.75 -16.85
C LYS A 84 -1.33 -46.74 -15.58
N GLN A 85 -1.10 -47.70 -14.67
CA GLN A 85 -1.84 -47.77 -13.40
C GLN A 85 -1.54 -46.56 -12.50
N ALA A 86 -0.31 -46.03 -12.55
CA ALA A 86 0.12 -44.87 -11.74
C ALA A 86 -0.64 -43.60 -12.09
N LEU A 87 -0.79 -43.34 -13.41
CA LEU A 87 -1.51 -42.16 -13.92
C LEU A 87 -3.01 -42.29 -13.69
N GLU A 88 -3.55 -43.55 -13.73
CA GLU A 88 -4.96 -43.85 -13.42
C GLU A 88 -5.18 -43.37 -11.98
N LEU A 89 -4.27 -43.80 -11.07
CA LEU A 89 -4.27 -43.43 -9.66
C LEU A 89 -4.07 -41.94 -9.45
N LEU A 90 -3.19 -41.29 -10.25
CA LEU A 90 -2.95 -39.83 -10.20
C LEU A 90 -4.28 -39.07 -10.41
N GLY A 91 -5.11 -39.61 -11.33
CA GLY A 91 -6.45 -39.11 -11.64
C GLY A 91 -7.39 -39.16 -10.46
N LYS A 92 -7.72 -40.38 -9.99
CA LYS A 92 -8.61 -40.63 -8.85
C LYS A 92 -8.06 -40.17 -7.47
N TRP A 93 -6.74 -39.83 -7.38
CA TRP A 93 -6.10 -39.41 -6.14
C TRP A 93 -6.56 -38.05 -5.68
N LYS A 94 -6.67 -37.88 -4.33
CA LYS A 94 -6.99 -36.60 -3.69
C LYS A 94 -5.93 -35.62 -4.17
N PRO A 95 -6.36 -34.57 -4.92
CA PRO A 95 -5.38 -33.59 -5.43
C PRO A 95 -4.52 -32.96 -4.35
N MET A 96 -3.21 -32.82 -4.67
CA MET A 96 -2.18 -32.28 -3.80
C MET A 96 -2.14 -30.74 -3.74
N ASP A 97 -1.53 -30.23 -2.65
CA ASP A 97 -1.34 -28.82 -2.39
C ASP A 97 -0.29 -28.27 -3.37
N VAL A 98 -0.37 -26.96 -3.67
CA VAL A 98 0.59 -26.22 -4.52
C VAL A 98 2.02 -26.42 -3.95
N GLU A 99 2.16 -26.33 -2.60
CA GLU A 99 3.41 -26.50 -1.82
C GLU A 99 4.10 -27.81 -2.17
N ASP A 100 3.31 -28.90 -2.21
CA ASP A 100 3.80 -30.24 -2.49
C ASP A 100 4.02 -30.44 -3.97
N SER A 101 3.22 -29.75 -4.82
CA SER A 101 3.28 -29.85 -6.28
C SER A 101 4.63 -29.42 -6.87
N LEU A 102 5.32 -28.48 -6.22
CA LEU A 102 6.60 -27.95 -6.65
C LEU A 102 7.68 -29.03 -6.78
N GLU A 103 7.53 -30.13 -6.05
CA GLU A 103 8.39 -31.31 -6.05
C GLU A 103 8.34 -31.99 -7.41
N LEU A 104 7.16 -32.02 -8.04
CA LEU A 104 6.88 -32.66 -9.34
C LEU A 104 7.56 -31.95 -10.53
N LEU A 105 8.08 -30.73 -10.31
CA LEU A 105 8.76 -29.93 -11.32
C LEU A 105 10.31 -30.03 -11.24
N SER A 106 10.81 -30.78 -10.24
CA SER A 106 12.25 -30.99 -10.06
C SER A 106 12.82 -31.94 -11.12
N SER A 107 14.13 -32.18 -11.05
CA SER A 107 14.87 -33.07 -11.96
C SER A 107 14.39 -34.53 -11.86
N HIS A 108 13.93 -34.98 -10.67
CA HIS A 108 13.47 -36.35 -10.39
C HIS A 108 12.26 -36.78 -11.20
N TYR A 109 11.56 -35.82 -11.81
CA TYR A 109 10.39 -36.15 -12.60
C TYR A 109 10.62 -35.78 -14.04
N THR A 110 10.30 -36.74 -14.92
CA THR A 110 10.46 -36.65 -16.37
C THR A 110 9.16 -37.02 -17.11
N ASN A 111 8.27 -37.77 -16.44
CA ASN A 111 6.98 -38.17 -17.02
C ASN A 111 6.18 -36.91 -17.43
N PRO A 112 5.85 -36.74 -18.74
CA PRO A 112 5.11 -35.54 -19.15
C PRO A 112 3.76 -35.38 -18.47
N THR A 113 3.05 -36.48 -18.16
CA THR A 113 1.73 -36.39 -17.50
C THR A 113 1.87 -35.85 -16.07
N VAL A 114 2.90 -36.34 -15.34
CA VAL A 114 3.20 -35.93 -13.98
C VAL A 114 3.60 -34.44 -13.97
N ARG A 115 4.29 -33.99 -15.03
CA ARG A 115 4.72 -32.61 -15.15
C ARG A 115 3.55 -31.65 -15.51
N ARG A 116 2.58 -32.12 -16.35
CA ARG A 116 1.38 -31.33 -16.68
C ARG A 116 0.44 -31.26 -15.45
N TYR A 117 0.43 -32.35 -14.63
CA TYR A 117 -0.34 -32.43 -13.39
C TYR A 117 0.19 -31.39 -12.39
N ALA A 118 1.52 -31.24 -12.32
CA ALA A 118 2.20 -30.30 -11.43
C ALA A 118 1.79 -28.87 -11.74
N VAL A 119 1.72 -28.52 -13.04
CA VAL A 119 1.32 -27.21 -13.56
C VAL A 119 -0.19 -27.00 -13.25
N ALA A 120 -1.01 -28.06 -13.43
CA ALA A 120 -2.45 -28.05 -13.14
C ALA A 120 -2.77 -27.70 -11.66
N ARG A 121 -1.93 -28.16 -10.71
CA ARG A 121 -2.08 -27.87 -9.28
C ARG A 121 -1.58 -26.48 -8.99
N LEU A 122 -0.50 -26.08 -9.70
CA LEU A 122 0.15 -24.77 -9.62
C LEU A 122 -0.79 -23.66 -10.11
N ARG A 123 -1.70 -24.00 -11.04
CA ARG A 123 -2.73 -23.10 -11.58
C ARG A 123 -3.74 -22.68 -10.49
N GLN A 124 -3.90 -23.52 -9.44
CA GLN A 124 -4.83 -23.28 -8.33
C GLN A 124 -4.32 -22.16 -7.38
N ALA A 125 -3.01 -21.89 -7.42
CA ALA A 125 -2.40 -20.84 -6.61
C ALA A 125 -2.74 -19.48 -7.19
N ASP A 126 -2.79 -18.46 -6.33
CA ASP A 126 -3.04 -17.09 -6.75
C ASP A 126 -1.69 -16.43 -7.08
N ASP A 127 -1.70 -15.35 -7.87
CA ASP A 127 -0.49 -14.62 -8.28
C ASP A 127 0.41 -14.24 -7.11
N GLU A 128 -0.19 -13.89 -5.97
CA GLU A 128 0.53 -13.53 -4.74
C GLU A 128 1.45 -14.68 -4.32
N ASP A 129 0.91 -15.93 -4.35
CA ASP A 129 1.69 -17.12 -4.04
C ASP A 129 2.63 -17.45 -5.20
N LEU A 130 2.13 -17.45 -6.44
CA LEU A 130 2.87 -17.74 -7.66
C LEU A 130 4.14 -16.90 -7.74
N LEU A 131 4.02 -15.61 -7.44
CA LEU A 131 5.14 -14.65 -7.43
C LEU A 131 6.24 -15.05 -6.45
N MET A 132 5.84 -15.59 -5.28
N MET A 132 5.87 -15.58 -5.27
CA MET A 132 6.73 -16.08 -4.22
CA MET A 132 6.84 -15.99 -4.27
C MET A 132 7.58 -17.23 -4.70
C MET A 132 7.61 -17.25 -4.71
N TYR A 133 7.08 -18.02 -5.69
CA TYR A 133 7.79 -19.21 -6.23
C TYR A 133 8.46 -18.96 -7.59
N LEU A 134 8.14 -17.88 -8.31
CA LEU A 134 8.60 -17.61 -9.67
C LEU A 134 10.11 -17.78 -9.94
N LEU A 135 11.00 -17.32 -9.00
CA LEU A 135 12.45 -17.45 -9.21
C LEU A 135 12.83 -18.90 -9.46
N GLN A 136 12.32 -19.85 -8.63
CA GLN A 136 12.55 -21.29 -8.72
C GLN A 136 11.86 -21.88 -9.92
N LEU A 137 10.68 -21.35 -10.30
CA LEU A 137 9.97 -21.83 -11.47
C LEU A 137 10.76 -21.56 -12.76
N VAL A 138 11.48 -20.40 -12.86
CA VAL A 138 12.32 -20.09 -14.04
C VAL A 138 13.50 -21.10 -14.12
N GLN A 139 14.05 -21.48 -12.95
CA GLN A 139 15.10 -22.48 -12.83
C GLN A 139 14.55 -23.84 -13.19
N ALA A 140 13.29 -24.16 -12.80
CA ALA A 140 12.68 -25.45 -13.11
C ALA A 140 12.48 -25.69 -14.61
N LEU A 141 12.59 -24.61 -15.44
CA LEU A 141 12.47 -24.76 -16.91
C LEU A 141 13.58 -25.65 -17.46
N LYS A 142 14.75 -25.68 -16.80
CA LYS A 142 15.85 -26.52 -17.28
C LYS A 142 15.57 -28.06 -17.09
N TYR A 143 14.40 -28.40 -16.48
CA TYR A 143 13.94 -29.78 -16.27
C TYR A 143 12.79 -30.13 -17.20
N GLU A 144 12.35 -29.13 -17.98
CA GLU A 144 11.24 -29.24 -18.92
C GLU A 144 11.72 -29.84 -20.23
N ASN A 145 10.78 -30.10 -21.16
CA ASN A 145 11.08 -30.62 -22.50
C ASN A 145 11.48 -29.43 -23.37
N PHE A 146 12.79 -29.37 -23.74
CA PHE A 146 13.36 -28.29 -24.55
C PHE A 146 12.78 -28.24 -25.95
N ASP A 147 12.38 -29.39 -26.50
CA ASP A 147 11.80 -29.45 -27.82
C ASP A 147 10.41 -28.83 -27.87
N ASP A 148 9.57 -29.06 -26.84
CA ASP A 148 8.21 -28.49 -26.76
C ASP A 148 8.25 -26.97 -26.70
N ILE A 149 9.19 -26.42 -25.90
CA ILE A 149 9.45 -24.99 -25.76
C ILE A 149 9.77 -24.41 -27.16
N LYS A 150 10.71 -25.07 -27.89
CA LYS A 150 11.12 -24.70 -29.24
C LYS A 150 9.93 -24.74 -30.22
N ASN A 151 9.19 -25.88 -30.27
CA ASN A 151 8.07 -26.12 -31.20
C ASN A 151 6.84 -25.24 -30.99
N GLY A 152 6.79 -24.54 -29.87
CA GLY A 152 5.70 -23.61 -29.57
C GLY A 152 5.88 -22.27 -30.26
N LEU A 153 7.03 -22.07 -30.93
CA LEU A 153 7.34 -20.85 -31.66
C LEU A 153 6.73 -20.84 -33.07
N GLU A 154 6.84 -19.71 -33.81
CA GLU A 154 6.29 -19.63 -35.17
C GLU A 154 7.31 -19.09 -36.19
N LEU A 209 -4.85 -29.29 -18.03
CA LEU A 209 -4.05 -30.50 -18.24
C LEU A 209 -3.18 -30.45 -19.52
N GLU A 210 -3.44 -29.43 -20.39
CA GLU A 210 -2.76 -29.21 -21.69
C GLU A 210 -1.67 -28.11 -21.66
N GLN A 211 -1.21 -27.70 -20.46
CA GLN A 211 -0.18 -26.66 -20.37
C GLN A 211 1.09 -27.13 -19.69
N ASP A 212 2.26 -26.85 -20.31
CA ASP A 212 3.58 -27.10 -19.71
C ASP A 212 4.01 -25.85 -18.88
N LEU A 213 5.17 -25.90 -18.19
CA LEU A 213 5.64 -24.80 -17.35
C LEU A 213 5.88 -23.49 -18.13
N CYS A 214 6.42 -23.60 -19.34
CA CYS A 214 6.67 -22.45 -20.20
C CYS A 214 5.35 -21.78 -20.57
N THR A 215 4.38 -22.56 -21.15
CA THR A 215 3.06 -22.03 -21.54
C THR A 215 2.34 -21.40 -20.36
N PHE A 216 2.37 -22.06 -19.18
CA PHE A 216 1.74 -21.57 -17.94
C PHE A 216 2.31 -20.25 -17.46
N LEU A 217 3.65 -20.16 -17.34
CA LEU A 217 4.31 -18.94 -16.87
C LEU A 217 4.05 -17.76 -17.84
N ILE A 218 4.19 -17.98 -19.16
CA ILE A 218 3.87 -16.93 -20.13
C ILE A 218 2.37 -16.56 -20.04
N SER A 219 1.48 -17.57 -19.91
CA SER A 219 0.03 -17.33 -19.77
C SER A 219 -0.29 -16.36 -18.60
N ARG A 220 0.28 -16.63 -17.44
CA ARG A 220 0.08 -15.87 -16.23
C ARG A 220 0.67 -14.47 -16.31
N ALA A 221 1.85 -14.35 -16.96
CA ALA A 221 2.59 -13.11 -17.18
C ALA A 221 1.77 -12.13 -18.02
N CYS A 222 1.05 -12.64 -19.03
CA CYS A 222 0.16 -11.84 -19.92
C CYS A 222 -1.03 -11.20 -19.20
N LYS A 223 -1.41 -11.74 -18.02
CA LYS A 223 -2.52 -11.31 -17.17
C LYS A 223 -2.06 -10.45 -15.98
N ASN A 224 -0.75 -10.47 -15.62
CA ASN A 224 -0.22 -9.74 -14.47
C ASN A 224 1.13 -9.11 -14.79
N SER A 225 1.15 -7.76 -14.85
CA SER A 225 2.27 -6.86 -15.13
C SER A 225 3.49 -7.09 -14.28
N THR A 226 3.26 -7.30 -12.96
CA THR A 226 4.29 -7.55 -11.94
C THR A 226 5.01 -8.87 -12.28
N LEU A 227 4.22 -9.94 -12.55
CA LEU A 227 4.66 -11.26 -12.93
C LEU A 227 5.40 -11.23 -14.27
N ALA A 228 4.90 -10.45 -15.24
CA ALA A 228 5.54 -10.31 -16.55
C ALA A 228 6.91 -9.73 -16.38
N ASN A 229 7.03 -8.69 -15.53
CA ASN A 229 8.27 -7.98 -15.21
C ASN A 229 9.33 -8.90 -14.67
N TYR A 230 9.03 -9.67 -13.57
CA TYR A 230 9.97 -10.65 -13.01
C TYR A 230 10.22 -11.83 -13.95
N LEU A 231 9.24 -12.29 -14.72
CA LEU A 231 9.52 -13.36 -15.69
C LEU A 231 10.54 -12.84 -16.72
N TYR A 232 10.45 -11.56 -17.10
CA TYR A 232 11.38 -10.99 -18.07
C TYR A 232 12.82 -10.92 -17.54
N TRP A 233 13.01 -10.31 -16.36
CA TRP A 233 14.32 -10.14 -15.76
C TRP A 233 14.93 -11.44 -15.33
N TYR A 234 14.13 -12.38 -14.84
CA TYR A 234 14.64 -13.71 -14.47
C TYR A 234 15.17 -14.50 -15.68
N VAL A 235 14.43 -14.48 -16.80
CA VAL A 235 14.80 -15.18 -18.05
C VAL A 235 15.98 -14.47 -18.76
N ILE A 236 15.95 -13.12 -18.91
CA ILE A 236 17.03 -12.36 -19.56
C ILE A 236 18.41 -12.63 -18.91
N VAL A 237 18.47 -12.73 -17.56
CA VAL A 237 19.72 -13.04 -16.82
C VAL A 237 20.18 -14.44 -17.12
N GLU A 238 19.24 -15.43 -17.23
CA GLU A 238 19.58 -16.80 -17.60
C GLU A 238 20.03 -16.89 -19.06
N CYS A 239 19.54 -15.98 -19.96
CA CYS A 239 19.97 -15.89 -21.37
C CYS A 239 21.40 -15.34 -21.44
N GLU A 240 21.68 -14.28 -20.66
CA GLU A 240 22.96 -13.57 -20.59
C GLU A 240 24.07 -14.45 -20.01
N ASP A 241 23.74 -15.38 -19.09
CA ASP A 241 24.69 -16.25 -18.41
C ASP A 241 25.69 -16.93 -19.35
N GLN A 242 26.96 -16.48 -19.29
CA GLN A 242 28.05 -16.99 -20.14
C GLN A 242 28.61 -18.34 -19.68
N ASP A 243 28.37 -18.70 -18.39
CA ASP A 243 28.80 -19.97 -17.82
C ASP A 243 27.89 -21.10 -18.35
N THR A 244 26.58 -20.81 -18.49
CA THR A 244 25.60 -21.73 -19.05
C THR A 244 25.83 -21.84 -20.55
N GLN A 245 26.06 -20.69 -21.23
CA GLN A 245 26.29 -20.61 -22.67
C GLN A 245 27.33 -21.61 -23.15
N GLN A 246 28.47 -21.72 -22.41
CA GLN A 246 29.58 -22.61 -22.74
C GLN A 246 29.42 -24.06 -22.21
N ARG A 247 28.99 -24.21 -20.93
CA ARG A 247 28.82 -25.51 -20.25
C ARG A 247 27.60 -26.31 -20.71
N ASP A 248 26.45 -25.63 -20.95
CA ASP A 248 25.18 -26.23 -21.38
C ASP A 248 24.59 -25.38 -22.52
N PRO A 249 25.12 -25.44 -23.75
CA PRO A 249 24.55 -24.62 -24.83
C PRO A 249 23.07 -24.93 -25.10
N LYS A 250 22.64 -26.17 -24.76
CA LYS A 250 21.26 -26.65 -24.89
C LYS A 250 20.33 -25.83 -23.98
N THR A 251 20.69 -25.67 -22.68
CA THR A 251 19.96 -24.89 -21.67
C THR A 251 19.92 -23.39 -22.03
N HIS A 252 21.06 -22.85 -22.51
CA HIS A 252 21.19 -21.46 -22.95
C HIS A 252 20.21 -21.19 -24.09
N GLU A 253 20.11 -22.12 -25.07
CA GLU A 253 19.18 -21.95 -26.19
C GLU A 253 17.72 -22.11 -25.77
N MET A 254 17.47 -22.97 -24.76
CA MET A 254 16.14 -23.15 -24.20
C MET A 254 15.64 -21.82 -23.65
N TYR A 255 16.49 -21.10 -22.91
CA TYR A 255 16.11 -19.80 -22.34
C TYR A 255 15.92 -18.75 -23.38
N LEU A 256 16.75 -18.74 -24.44
CA LEU A 256 16.57 -17.78 -25.52
C LEU A 256 15.19 -17.99 -26.12
N ASN A 257 14.79 -19.28 -26.30
CA ASN A 257 13.48 -19.69 -26.79
C ASN A 257 12.36 -19.26 -25.85
N VAL A 258 12.53 -19.42 -24.50
CA VAL A 258 11.56 -18.96 -23.49
C VAL A 258 11.29 -17.46 -23.69
N MET A 259 12.37 -16.68 -23.91
CA MET A 259 12.26 -15.25 -24.17
C MET A 259 11.54 -14.99 -25.50
N ARG A 260 11.84 -15.80 -26.54
CA ARG A 260 11.20 -15.64 -27.87
C ARG A 260 9.67 -15.92 -27.77
N ARG A 261 9.32 -16.97 -27.00
CA ARG A 261 7.97 -17.46 -26.74
C ARG A 261 7.20 -16.42 -25.97
N PHE A 262 7.85 -15.77 -24.98
CA PHE A 262 7.28 -14.68 -24.18
C PHE A 262 6.98 -13.46 -25.04
N SER A 263 7.95 -13.03 -25.88
CA SER A 263 7.85 -11.90 -26.80
C SER A 263 6.71 -12.12 -27.82
N GLN A 264 6.59 -13.36 -28.33
CA GLN A 264 5.58 -13.78 -29.30
C GLN A 264 4.16 -13.65 -28.71
N ALA A 265 3.98 -14.21 -27.50
CA ALA A 265 2.75 -14.20 -26.72
C ALA A 265 2.32 -12.77 -26.46
N LEU A 266 3.27 -11.89 -26.08
CA LEU A 266 2.98 -10.47 -25.82
C LEU A 266 2.42 -9.76 -27.08
N LEU A 267 2.98 -10.05 -28.26
CA LEU A 267 2.54 -9.43 -29.51
C LEU A 267 1.22 -9.98 -30.05
N LYS A 268 0.84 -11.20 -29.65
CA LYS A 268 -0.43 -11.84 -30.04
C LYS A 268 -1.60 -11.42 -29.13
N GLY A 269 -1.29 -10.82 -27.98
CA GLY A 269 -2.26 -10.38 -26.97
C GLY A 269 -3.07 -9.14 -27.28
N ASP A 270 -3.84 -8.69 -26.27
CA ASP A 270 -4.71 -7.50 -26.25
C ASP A 270 -3.92 -6.20 -26.25
N LYS A 271 -4.64 -5.06 -26.24
CA LYS A 271 -4.07 -3.72 -26.18
C LYS A 271 -3.20 -3.59 -24.94
N SER A 272 -3.72 -4.09 -23.79
CA SER A 272 -3.03 -4.08 -22.48
C SER A 272 -1.79 -4.95 -22.50
N VAL A 273 -1.88 -6.12 -23.16
CA VAL A 273 -0.81 -7.11 -23.22
C VAL A 273 0.34 -6.65 -24.15
N ARG A 274 -0.01 -6.16 -25.37
CA ARG A 274 0.94 -5.69 -26.38
C ARG A 274 1.84 -4.53 -25.92
N VAL A 275 1.36 -3.66 -25.01
CA VAL A 275 2.11 -2.52 -24.48
C VAL A 275 3.13 -2.95 -23.36
N MET A 276 2.93 -4.16 -22.78
CA MET A 276 3.84 -4.71 -21.76
C MET A 276 5.19 -4.95 -22.43
N ARG A 277 5.21 -5.40 -23.71
CA ARG A 277 6.46 -5.64 -24.44
C ARG A 277 7.31 -4.35 -24.59
N SER A 278 6.67 -3.22 -24.96
CA SER A 278 7.36 -1.93 -25.11
C SER A 278 7.86 -1.45 -23.73
N LEU A 279 7.06 -1.70 -22.66
CA LEU A 279 7.44 -1.39 -21.28
C LEU A 279 8.68 -2.19 -20.83
N LEU A 280 8.75 -3.50 -21.15
CA LEU A 280 9.89 -4.32 -20.81
C LEU A 280 11.11 -3.82 -21.59
N ALA A 281 10.91 -3.46 -22.87
CA ALA A 281 11.98 -2.96 -23.75
C ALA A 281 12.53 -1.60 -23.29
N ALA A 282 11.65 -0.71 -22.79
CA ALA A 282 12.04 0.62 -22.29
C ALA A 282 12.90 0.51 -21.02
N GLN A 283 12.57 -0.45 -20.11
CA GLN A 283 13.33 -0.71 -18.88
C GLN A 283 14.67 -1.34 -19.24
N GLN A 284 14.71 -2.18 -20.27
CA GLN A 284 15.94 -2.81 -20.74
C GLN A 284 16.90 -1.74 -21.25
N THR A 285 16.40 -0.73 -21.98
CA THR A 285 17.20 0.41 -22.50
C THR A 285 17.69 1.27 -21.36
N PHE A 286 16.80 1.53 -20.39
CA PHE A 286 17.06 2.31 -19.19
C PHE A 286 18.27 1.75 -18.42
N VAL A 287 18.25 0.44 -18.19
CA VAL A 287 19.29 -0.29 -17.47
C VAL A 287 20.59 -0.26 -18.28
N ASP A 288 20.49 -0.41 -19.62
CA ASP A 288 21.66 -0.38 -20.52
C ASP A 288 22.37 0.96 -20.48
N ARG A 289 21.59 2.06 -20.43
CA ARG A 289 22.08 3.44 -20.36
C ARG A 289 22.72 3.71 -19.00
N LEU A 290 22.15 3.12 -17.91
CA LEU A 290 22.66 3.23 -16.55
C LEU A 290 24.01 2.50 -16.42
N VAL A 291 24.15 1.32 -17.08
CA VAL A 291 25.38 0.53 -17.10
C VAL A 291 26.51 1.34 -17.75
N HIS A 292 26.17 2.03 -18.84
CA HIS A 292 27.09 2.88 -19.59
C HIS A 292 27.48 4.09 -18.74
N LEU A 293 26.51 4.74 -18.07
CA LEU A 293 26.73 5.86 -17.16
C LEU A 293 27.74 5.49 -16.04
N MET A 294 27.57 4.32 -15.39
CA MET A 294 28.50 3.84 -14.38
C MET A 294 29.91 3.76 -14.97
N LYS A 295 30.05 3.28 -16.21
CA LYS A 295 31.35 3.18 -16.90
C LYS A 295 31.93 4.55 -17.26
N ALA A 296 31.08 5.47 -17.70
CA ALA A 296 31.47 6.85 -18.02
C ALA A 296 32.14 7.54 -16.78
N VAL A 297 31.64 7.28 -15.57
CA VAL A 297 32.17 7.83 -14.31
C VAL A 297 33.60 7.27 -13.98
N GLN A 298 33.80 5.96 -14.20
CA GLN A 298 35.04 5.26 -13.93
C GLN A 298 36.15 5.35 -15.01
N ARG A 299 35.87 5.93 -16.22
CA ARG A 299 36.85 6.07 -17.32
C ARG A 299 38.12 6.84 -16.93
N GLU A 300 37.98 7.66 -15.87
CA GLU A 300 38.97 8.56 -15.27
C GLU A 300 39.51 8.07 -13.92
N SER A 301 40.52 8.81 -13.44
CA SER A 301 41.08 8.74 -12.11
C SER A 301 40.52 10.04 -11.50
N GLY A 302 40.03 9.95 -10.27
CA GLY A 302 39.47 11.11 -9.60
C GLY A 302 39.00 10.77 -8.21
N ASN A 303 38.97 11.79 -7.35
CA ASN A 303 38.52 11.75 -5.95
C ASN A 303 37.09 11.16 -5.93
N ARG A 304 36.55 10.70 -4.77
CA ARG A 304 35.15 10.25 -4.76
C ARG A 304 34.21 11.44 -5.03
N LYS A 305 34.58 12.64 -4.54
CA LYS A 305 33.90 13.93 -4.71
C LYS A 305 33.78 14.21 -6.21
N LYS A 306 34.91 14.15 -6.93
CA LYS A 306 34.98 14.38 -8.38
C LYS A 306 34.15 13.34 -9.11
N LYS A 307 34.18 12.05 -8.67
CA LYS A 307 33.41 10.97 -9.29
C LYS A 307 31.92 11.20 -9.09
N ASN A 308 31.56 11.68 -7.89
CA ASN A 308 30.17 11.98 -7.53
C ASN A 308 29.66 13.12 -8.42
N GLU A 309 30.48 14.16 -8.63
CA GLU A 309 30.18 15.31 -9.48
C GLU A 309 30.08 14.87 -10.93
N ARG A 310 30.84 13.81 -11.34
CA ARG A 310 30.80 13.29 -12.71
C ARG A 310 29.51 12.51 -12.91
N LEU A 311 29.05 11.81 -11.86
CA LEU A 311 27.80 11.06 -11.89
C LEU A 311 26.59 12.01 -12.02
N GLN A 312 26.57 13.05 -11.18
CA GLN A 312 25.55 14.08 -11.08
C GLN A 312 25.42 14.89 -12.34
N ALA A 313 26.57 15.20 -12.96
CA ALA A 313 26.59 15.97 -14.20
C ALA A 313 25.95 15.14 -15.33
N LEU A 314 26.41 13.87 -15.49
CA LEU A 314 25.91 12.95 -16.51
C LEU A 314 24.42 12.64 -16.38
N LEU A 315 23.91 12.49 -15.14
CA LEU A 315 22.48 12.25 -14.90
C LEU A 315 21.63 13.51 -15.19
N GLY A 316 22.25 14.70 -15.07
CA GLY A 316 21.63 15.99 -15.31
C GLY A 316 21.33 16.25 -16.77
N ASP A 317 22.20 15.75 -17.67
CA ASP A 317 22.02 15.90 -19.11
C ASP A 317 21.14 14.78 -19.63
N ASN A 318 19.82 15.05 -19.62
CA ASN A 318 18.76 14.17 -20.06
C ASN A 318 18.66 14.11 -21.59
N GLU A 319 19.30 15.05 -22.31
CA GLU A 319 19.32 15.04 -23.77
C GLU A 319 20.23 13.90 -24.24
N LYS A 320 21.41 13.75 -23.60
CA LYS A 320 22.38 12.71 -23.91
C LYS A 320 22.07 11.38 -23.21
N MET A 321 22.04 11.38 -21.85
CA MET A 321 21.87 10.19 -21.01
C MET A 321 20.42 9.65 -20.88
N ASN A 322 19.37 10.51 -21.03
N ASN A 322 19.36 10.50 -21.08
CA ASN A 322 17.92 10.20 -20.92
CA ASN A 322 17.93 10.12 -21.00
C ASN A 322 17.58 9.33 -19.68
C ASN A 322 17.56 9.34 -19.69
N LEU A 323 18.12 9.73 -18.51
CA LEU A 323 17.87 8.98 -17.27
C LEU A 323 17.11 9.77 -16.21
N SER A 324 17.09 11.09 -16.31
CA SER A 324 16.36 11.95 -15.36
C SER A 324 14.91 12.27 -15.80
N ASP A 325 14.55 11.94 -17.05
CA ASP A 325 13.23 12.20 -17.63
C ASP A 325 12.80 11.12 -18.62
N VAL A 326 12.08 10.13 -18.12
CA VAL A 326 11.57 9.01 -18.89
C VAL A 326 10.05 8.93 -18.74
N GLU A 327 9.37 8.35 -19.73
CA GLU A 327 7.92 8.13 -19.69
C GLU A 327 7.75 7.05 -18.61
N LEU A 328 6.88 7.31 -17.60
CA LEU A 328 6.60 6.58 -16.37
C LEU A 328 6.66 5.07 -16.50
N ILE A 329 7.89 4.51 -16.45
CA ILE A 329 8.08 3.08 -16.65
C ILE A 329 8.15 2.33 -15.34
N PRO A 330 7.91 1.00 -15.32
CA PRO A 330 8.03 0.27 -14.06
C PRO A 330 9.47 0.33 -13.59
N LEU A 331 9.70 0.35 -12.27
CA LEU A 331 11.04 0.28 -11.71
C LEU A 331 11.33 -1.20 -11.72
N PRO A 332 12.36 -1.69 -12.44
CA PRO A 332 12.60 -3.14 -12.51
C PRO A 332 12.58 -3.85 -11.15
N LEU A 333 13.15 -3.19 -10.14
CA LEU A 333 13.26 -3.64 -8.75
C LEU A 333 11.89 -3.86 -8.04
N GLU A 334 10.93 -2.97 -8.27
CA GLU A 334 9.57 -3.02 -7.72
C GLU A 334 8.67 -2.47 -8.82
N PRO A 335 8.18 -3.32 -9.74
CA PRO A 335 7.44 -2.81 -10.91
C PRO A 335 6.14 -2.04 -10.60
N GLN A 336 5.52 -2.27 -9.42
CA GLN A 336 4.34 -1.53 -8.98
C GLN A 336 4.69 -0.04 -8.89
N VAL A 337 5.98 0.27 -8.65
CA VAL A 337 6.51 1.64 -8.58
C VAL A 337 6.87 2.09 -10.01
N LYS A 338 6.18 3.15 -10.50
CA LYS A 338 6.37 3.74 -11.82
C LYS A 338 7.25 4.97 -11.67
N ILE A 339 8.38 5.03 -12.42
CA ILE A 339 9.38 6.09 -12.26
C ILE A 339 9.48 7.08 -13.44
N ARG A 340 9.75 8.37 -13.11
CA ARG A 340 9.97 9.54 -14.00
C ARG A 340 11.49 9.65 -14.37
N GLY A 341 12.37 9.05 -13.53
CA GLY A 341 13.82 9.05 -13.70
C GLY A 341 14.61 9.00 -12.39
N ILE A 342 15.90 9.34 -12.45
CA ILE A 342 16.81 9.41 -11.31
C ILE A 342 17.05 10.90 -11.06
N ILE A 343 17.05 11.32 -9.77
CA ILE A 343 17.31 12.70 -9.36
C ILE A 343 18.85 12.88 -9.50
N PRO A 344 19.29 13.76 -10.42
CA PRO A 344 20.72 13.89 -10.67
C PRO A 344 21.58 14.38 -9.50
N GLU A 345 21.17 15.50 -8.88
CA GLU A 345 21.91 16.18 -7.83
C GLU A 345 22.07 15.40 -6.51
N THR A 346 21.28 14.34 -6.25
CA THR A 346 21.40 13.54 -5.02
C THR A 346 22.07 12.18 -5.23
N ALA A 347 22.49 11.86 -6.47
CA ALA A 347 23.14 10.59 -6.78
C ALA A 347 24.63 10.58 -6.37
N THR A 348 25.04 9.52 -5.67
CA THR A 348 26.42 9.38 -5.18
C THR A 348 26.89 7.95 -5.30
N LEU A 349 28.19 7.77 -5.15
CA LEU A 349 28.86 6.48 -5.19
C LEU A 349 29.27 6.12 -3.74
N PHE A 350 29.14 4.84 -3.39
CA PHE A 350 29.52 4.38 -2.06
C PHE A 350 31.02 4.20 -1.92
N LYS A 351 31.54 4.42 -0.71
CA LYS A 351 32.95 4.17 -0.41
C LYS A 351 33.00 2.63 -0.27
N SER A 352 33.37 1.94 -1.37
CA SER A 352 33.40 0.48 -1.51
C SER A 352 34.17 0.12 -2.79
N ALA A 353 34.85 -1.05 -2.82
CA ALA A 353 35.73 -1.48 -3.92
C ALA A 353 35.15 -1.26 -5.31
N LEU A 354 33.90 -1.71 -5.51
CA LEU A 354 33.23 -1.61 -6.80
C LEU A 354 32.38 -0.37 -6.92
N MET A 355 32.52 0.57 -5.97
CA MET A 355 31.81 1.87 -5.91
C MET A 355 30.40 1.75 -6.41
N PRO A 356 29.52 0.95 -5.75
CA PRO A 356 28.14 0.89 -6.24
C PRO A 356 27.49 2.27 -6.07
N ALA A 357 26.43 2.55 -6.83
CA ALA A 357 25.76 3.85 -6.73
C ALA A 357 24.50 3.88 -5.88
N GLN A 358 24.31 5.01 -5.18
CA GLN A 358 23.08 5.32 -4.48
C GLN A 358 22.38 6.29 -5.42
N LEU A 359 21.18 5.90 -5.90
CA LEU A 359 20.37 6.67 -6.83
C LEU A 359 18.97 6.78 -6.28
N PHE A 360 18.38 7.97 -6.38
CA PHE A 360 17.02 8.24 -5.94
C PHE A 360 16.13 8.35 -7.14
N PHE A 361 15.18 7.44 -7.21
CA PHE A 361 14.21 7.43 -8.30
C PHE A 361 13.05 8.34 -7.96
N LYS A 362 12.70 9.18 -8.91
CA LYS A 362 11.56 10.08 -8.84
C LYS A 362 10.39 9.22 -9.28
N THR A 363 9.48 8.91 -8.32
CA THR A 363 8.29 8.11 -8.62
C THR A 363 7.25 9.00 -9.30
N GLU A 364 6.21 8.38 -9.89
CA GLU A 364 5.12 9.09 -10.57
C GLU A 364 4.37 10.09 -9.72
N ASP A 365 4.38 9.92 -8.39
CA ASP A 365 3.69 10.83 -7.48
C ASP A 365 4.66 11.70 -6.67
N GLY A 366 5.77 12.10 -7.29
CA GLY A 366 6.76 13.01 -6.71
C GLY A 366 7.62 12.48 -5.58
N GLY A 367 7.32 11.26 -5.15
CA GLY A 367 8.07 10.60 -4.09
C GLY A 367 9.45 10.17 -4.54
N LYS A 368 10.25 9.68 -3.58
CA LYS A 368 11.60 9.24 -3.84
C LYS A 368 11.73 7.76 -3.49
N TYR A 369 12.40 7.00 -4.35
CA TYR A 369 12.65 5.58 -4.09
C TYR A 369 14.19 5.38 -4.16
N PRO A 370 14.90 5.28 -3.01
CA PRO A 370 16.36 5.09 -3.08
C PRO A 370 16.72 3.65 -3.38
N VAL A 371 17.71 3.49 -4.27
CA VAL A 371 18.23 2.19 -4.71
C VAL A 371 19.76 2.16 -4.63
N ILE A 372 20.30 0.94 -4.64
CA ILE A 372 21.72 0.69 -4.74
C ILE A 372 21.86 0.07 -6.14
N PHE A 373 22.72 0.63 -6.99
CA PHE A 373 23.00 0.04 -8.27
C PHE A 373 24.46 -0.51 -8.26
N LYS A 374 24.53 -1.85 -8.16
CA LYS A 374 25.73 -2.65 -8.03
C LYS A 374 26.13 -3.13 -9.41
N HIS A 375 27.37 -2.83 -9.82
CA HIS A 375 27.95 -3.20 -11.12
C HIS A 375 29.24 -3.98 -10.92
N GLY A 376 29.55 -4.86 -11.85
CA GLY A 376 30.74 -5.69 -11.81
C GLY A 376 30.73 -6.76 -10.73
N ASP A 377 29.53 -7.21 -10.33
CA ASP A 377 29.32 -8.24 -9.31
C ASP A 377 27.96 -8.89 -9.50
N ASP A 378 27.84 -10.21 -9.20
CA ASP A 378 26.65 -11.06 -9.33
C ASP A 378 25.70 -11.08 -8.07
N LEU A 379 24.50 -10.55 -8.24
CA LEU A 379 23.49 -10.43 -7.17
C LEU A 379 22.59 -11.67 -6.98
N ARG A 380 22.76 -12.73 -7.80
CA ARG A 380 21.88 -13.90 -7.77
C ARG A 380 21.84 -14.65 -6.45
N GLN A 381 22.98 -14.75 -5.74
CA GLN A 381 22.95 -15.41 -4.45
C GLN A 381 22.12 -14.61 -3.42
N ASP A 382 22.28 -13.25 -3.41
CA ASP A 382 21.51 -12.38 -2.52
C ASP A 382 20.06 -12.35 -2.93
N GLN A 383 19.82 -12.32 -4.24
CA GLN A 383 18.51 -12.31 -4.87
C GLN A 383 17.71 -13.54 -4.42
N LEU A 384 18.33 -14.74 -4.41
CA LEU A 384 17.67 -15.95 -3.90
C LEU A 384 17.37 -15.80 -2.41
N ILE A 385 18.38 -15.47 -1.58
CA ILE A 385 18.25 -15.34 -0.13
C ILE A 385 17.17 -14.34 0.28
N LEU A 386 17.13 -13.15 -0.34
CA LEU A 386 16.08 -12.16 -0.03
C LEU A 386 14.69 -12.66 -0.46
N GLN A 387 14.61 -13.42 -1.54
CA GLN A 387 13.36 -14.04 -2.01
C GLN A 387 12.84 -15.04 -0.97
N ILE A 388 13.73 -15.84 -0.37
CA ILE A 388 13.39 -16.81 0.69
C ILE A 388 13.00 -16.08 1.99
N ILE A 389 13.74 -15.01 2.36
CA ILE A 389 13.42 -14.22 3.56
C ILE A 389 12.02 -13.60 3.46
N SER A 390 11.68 -13.06 2.28
CA SER A 390 10.37 -12.50 1.94
C SER A 390 9.28 -13.56 2.13
N LEU A 391 9.45 -14.75 1.52
CA LEU A 391 8.56 -15.91 1.64
C LEU A 391 8.37 -16.24 3.14
N MET A 392 9.49 -16.42 3.88
CA MET A 392 9.48 -16.71 5.31
C MET A 392 8.73 -15.65 6.10
N ASP A 393 8.85 -14.37 5.70
CA ASP A 393 8.15 -13.25 6.35
C ASP A 393 6.64 -13.33 6.08
N LYS A 394 6.23 -13.55 4.80
CA LYS A 394 4.83 -13.70 4.40
C LYS A 394 4.17 -14.86 5.10
N LEU A 395 4.87 -16.03 5.19
CA LEU A 395 4.38 -17.21 5.90
C LEU A 395 4.18 -16.96 7.39
N LEU A 396 5.11 -16.23 8.02
CA LEU A 396 5.02 -15.90 9.45
C LEU A 396 3.88 -14.89 9.68
N ARG A 397 3.72 -13.92 8.76
CA ARG A 397 2.66 -12.91 8.83
C ARG A 397 1.29 -13.57 8.68
N LYS A 398 1.21 -14.61 7.81
CA LYS A 398 0.03 -15.43 7.53
C LYS A 398 -0.47 -16.05 8.84
N GLU A 399 0.45 -16.61 9.66
CA GLU A 399 0.23 -17.24 10.96
C GLU A 399 0.08 -16.19 12.11
N ASN A 400 -0.15 -14.91 11.74
CA ASN A 400 -0.31 -13.75 12.65
C ASN A 400 0.93 -13.56 13.53
N LEU A 401 2.10 -13.54 12.89
CA LEU A 401 3.39 -13.37 13.55
C LEU A 401 4.25 -12.46 12.67
N ASP A 402 4.04 -11.14 12.80
CA ASP A 402 4.81 -10.09 12.12
C ASP A 402 6.05 -9.88 13.02
N LEU A 403 7.24 -10.36 12.58
CA LEU A 403 8.44 -10.21 13.42
C LEU A 403 9.29 -9.00 13.00
N LYS A 404 8.66 -8.01 12.36
CA LYS A 404 9.27 -6.76 11.91
C LYS A 404 10.53 -6.99 11.09
N LEU A 405 10.43 -7.86 10.06
CA LEU A 405 11.55 -8.21 9.17
C LEU A 405 11.75 -7.22 8.03
N THR A 406 12.97 -7.17 7.46
CA THR A 406 13.31 -6.27 6.37
C THR A 406 13.67 -7.06 5.13
N PRO A 407 12.70 -7.64 4.39
CA PRO A 407 13.07 -8.36 3.18
C PRO A 407 13.17 -7.36 2.01
N TYR A 408 14.21 -6.51 2.04
CA TYR A 408 14.47 -5.51 1.00
C TYR A 408 14.57 -6.17 -0.36
N LYS A 409 14.05 -5.54 -1.40
CA LYS A 409 14.06 -6.08 -2.77
C LYS A 409 15.48 -6.14 -3.37
N VAL A 410 15.83 -7.28 -3.99
CA VAL A 410 17.09 -7.47 -4.73
C VAL A 410 16.70 -7.99 -6.11
N LEU A 411 17.14 -7.30 -7.18
CA LEU A 411 16.89 -7.77 -8.54
C LEU A 411 18.17 -7.73 -9.37
N ALA A 412 18.63 -8.90 -9.87
CA ALA A 412 19.76 -8.92 -10.77
C ALA A 412 19.21 -8.52 -12.17
N THR A 413 19.87 -7.57 -12.85
CA THR A 413 19.45 -7.11 -14.18
C THR A 413 20.41 -7.72 -15.21
N SER A 414 21.40 -8.48 -14.74
CA SER A 414 22.42 -9.17 -15.53
C SER A 414 23.19 -10.10 -14.58
N THR A 415 24.11 -10.94 -15.10
CA THR A 415 24.96 -11.77 -14.22
C THR A 415 26.12 -10.90 -13.65
N LYS A 416 26.16 -9.62 -14.01
CA LYS A 416 27.22 -8.67 -13.66
C LYS A 416 26.73 -7.43 -12.95
N HIS A 417 25.41 -7.17 -12.91
CA HIS A 417 24.88 -5.96 -12.27
C HIS A 417 23.46 -6.14 -11.79
N GLY A 418 22.96 -5.17 -11.02
CA GLY A 418 21.60 -5.22 -10.52
C GLY A 418 21.24 -4.13 -9.52
N PHE A 419 20.00 -4.22 -9.01
CA PHE A 419 19.48 -3.28 -8.04
C PHE A 419 19.16 -3.94 -6.71
N MET A 420 19.29 -3.14 -5.65
CA MET A 420 18.88 -3.48 -4.30
C MET A 420 18.13 -2.26 -3.80
N GLN A 421 17.08 -2.51 -3.01
CA GLN A 421 16.28 -1.48 -2.38
C GLN A 421 17.07 -0.97 -1.16
N PHE A 422 17.48 0.32 -1.19
CA PHE A 422 18.18 1.02 -0.09
C PHE A 422 17.23 1.27 1.10
N ILE A 423 17.62 0.77 2.30
CA ILE A 423 16.90 0.89 3.57
C ILE A 423 17.68 1.83 4.49
N GLN A 424 17.02 2.88 4.97
CA GLN A 424 17.66 3.84 5.85
C GLN A 424 17.81 3.18 7.21
N SER A 425 19.09 2.91 7.54
CA SER A 425 19.56 2.21 8.73
C SER A 425 21.02 2.58 8.98
N VAL A 426 21.59 2.09 10.09
CA VAL A 426 22.96 2.34 10.50
C VAL A 426 23.59 0.98 10.79
N PRO A 427 24.78 0.65 10.23
CA PRO A 427 25.42 -0.63 10.57
C PRO A 427 25.73 -0.69 12.07
N VAL A 428 25.61 -1.86 12.70
CA VAL A 428 25.81 -2.02 14.15
C VAL A 428 27.25 -1.63 14.56
N ALA A 429 28.20 -1.81 13.63
CA ALA A 429 29.59 -1.43 13.82
C ALA A 429 29.67 0.07 14.07
N GLU A 430 28.91 0.86 13.29
CA GLU A 430 28.85 2.31 13.42
C GLU A 430 28.06 2.72 14.66
N VAL A 431 27.05 1.88 15.05
CA VAL A 431 26.23 2.11 16.25
C VAL A 431 27.18 2.10 17.45
N LEU A 432 28.09 1.11 17.52
CA LEU A 432 29.09 0.97 18.57
C LEU A 432 30.14 2.11 18.54
N ASP A 433 30.56 2.51 17.33
CA ASP A 433 31.58 3.52 17.09
C ASP A 433 31.18 4.92 17.54
N THR A 434 29.93 5.32 17.24
CA THR A 434 29.37 6.63 17.51
C THR A 434 28.66 6.67 18.85
N GLU A 435 27.77 5.69 19.13
CA GLU A 435 26.97 5.73 20.37
C GLU A 435 27.44 4.81 21.49
N GLY A 436 28.23 3.79 21.16
CA GLY A 436 28.75 2.87 22.17
C GLY A 436 28.00 1.57 22.34
N SER A 437 26.69 1.57 22.03
CA SER A 437 25.79 0.41 22.15
C SER A 437 24.43 0.66 21.48
N ILE A 438 23.71 -0.43 21.18
CA ILE A 438 22.35 -0.46 20.62
C ILE A 438 21.39 0.24 21.61
N GLN A 439 21.56 -0.01 22.93
CA GLN A 439 20.77 0.58 24.02
C GLN A 439 20.92 2.12 24.06
N ASN A 440 22.16 2.63 23.94
CA ASN A 440 22.47 4.06 23.92
C ASN A 440 21.84 4.70 22.72
N PHE A 441 22.04 4.06 21.55
CA PHE A 441 21.49 4.44 20.25
C PHE A 441 20.00 4.62 20.36
N PHE A 442 19.30 3.61 20.92
CA PHE A 442 17.85 3.66 21.13
C PHE A 442 17.46 4.74 22.13
N ARG A 443 18.21 4.91 23.22
CA ARG A 443 17.96 5.96 24.22
C ARG A 443 18.09 7.35 23.59
N LYS A 444 19.00 7.51 22.62
CA LYS A 444 19.23 8.77 21.91
C LYS A 444 18.11 9.13 20.94
N TYR A 445 17.79 8.23 19.96
CA TYR A 445 16.80 8.51 18.93
C TYR A 445 15.34 8.10 19.26
N ALA A 446 15.10 7.42 20.38
CA ALA A 446 13.75 7.00 20.78
C ALA A 446 13.62 6.87 22.29
N PRO A 447 13.72 7.98 23.05
CA PRO A 447 13.57 7.87 24.51
C PRO A 447 12.10 7.92 24.96
N SER A 448 11.85 7.45 26.21
CA SER A 448 10.57 7.44 26.92
C SER A 448 10.91 7.15 28.39
N GLU A 449 10.42 8.00 29.31
CA GLU A 449 10.69 7.97 30.75
C GLU A 449 10.67 6.57 31.40
N ASN A 450 9.50 5.90 31.37
CA ASN A 450 9.31 4.61 32.04
C ASN A 450 9.32 3.39 31.10
N GLY A 451 9.78 3.58 29.86
CA GLY A 451 9.95 2.51 28.89
C GLY A 451 11.14 1.63 29.25
N PRO A 452 11.27 0.39 28.69
CA PRO A 452 12.39 -0.48 29.07
C PRO A 452 13.76 0.16 28.82
N ASN A 453 14.47 0.49 29.93
CA ASN A 453 15.78 1.15 29.97
C ASN A 453 15.75 2.59 29.36
N GLY A 454 14.61 3.28 29.56
CA GLY A 454 14.37 4.61 29.03
C GLY A 454 14.21 4.67 27.52
N ILE A 455 13.94 3.50 26.88
CA ILE A 455 13.74 3.31 25.43
C ILE A 455 12.25 3.04 25.16
N SER A 456 11.72 3.53 24.01
CA SER A 456 10.34 3.37 23.54
C SER A 456 9.91 1.91 23.60
N ALA A 457 8.72 1.64 24.18
CA ALA A 457 8.13 0.30 24.30
C ALA A 457 7.96 -0.34 22.92
N GLU A 458 7.52 0.46 21.93
CA GLU A 458 7.33 0.04 20.56
C GLU A 458 8.66 -0.27 19.86
N VAL A 459 9.68 0.59 20.07
CA VAL A 459 11.00 0.41 19.49
C VAL A 459 11.66 -0.87 20.03
N MET A 460 11.49 -1.13 21.35
CA MET A 460 12.03 -2.30 22.04
C MET A 460 11.36 -3.61 21.62
N ASP A 461 10.02 -3.60 21.46
CA ASP A 461 9.25 -4.76 21.00
C ASP A 461 9.66 -5.10 19.54
N THR A 462 9.85 -4.06 18.69
CA THR A 462 10.28 -4.18 17.30
C THR A 462 11.67 -4.81 17.23
N TYR A 463 12.57 -4.38 18.13
CA TYR A 463 13.94 -4.88 18.22
C TYR A 463 14.02 -6.35 18.64
N VAL A 464 13.26 -6.73 19.69
CA VAL A 464 13.18 -8.09 20.22
C VAL A 464 12.69 -9.05 19.11
N LYS A 465 11.54 -8.72 18.48
CA LYS A 465 10.90 -9.46 17.39
C LYS A 465 11.81 -9.65 16.17
N SER A 466 12.48 -8.57 15.71
CA SER A 466 13.38 -8.65 14.54
C SER A 466 14.63 -9.49 14.79
N CYS A 467 15.15 -9.47 16.05
CA CYS A 467 16.33 -10.22 16.51
C CYS A 467 16.01 -11.69 16.48
N ALA A 468 14.88 -12.04 17.08
CA ALA A 468 14.37 -13.39 17.17
C ALA A 468 14.13 -13.93 15.79
N GLY A 469 13.39 -13.16 14.96
CA GLY A 469 13.09 -13.49 13.57
C GLY A 469 14.32 -13.80 12.75
N TYR A 470 15.35 -12.93 12.80
CA TYR A 470 16.61 -13.12 12.08
C TYR A 470 17.48 -14.22 12.66
N CYS A 471 17.48 -14.37 13.98
CA CYS A 471 18.26 -15.42 14.63
C CYS A 471 17.87 -16.80 14.07
N VAL A 472 16.55 -17.02 13.88
CA VAL A 472 15.95 -18.25 13.37
C VAL A 472 16.18 -18.38 11.87
N ILE A 473 15.86 -17.33 11.09
CA ILE A 473 16.00 -17.35 9.62
C ILE A 473 17.50 -17.54 9.13
N THR A 474 18.47 -16.85 9.78
CA THR A 474 19.89 -17.01 9.44
C THR A 474 20.41 -18.40 9.87
N TYR A 475 19.82 -18.97 10.93
CA TYR A 475 20.12 -20.31 11.43
C TYR A 475 19.71 -21.34 10.34
N ILE A 476 18.45 -21.29 9.87
CA ILE A 476 17.93 -22.20 8.85
C ILE A 476 18.70 -22.05 7.55
N LEU A 477 18.96 -20.82 7.12
CA LEU A 477 19.67 -20.58 5.85
C LEU A 477 21.21 -20.73 5.93
N GLY A 478 21.72 -21.04 7.15
CA GLY A 478 23.14 -21.25 7.42
C GLY A 478 24.03 -20.12 6.96
N VAL A 479 23.58 -18.88 7.18
CA VAL A 479 24.26 -17.64 6.83
C VAL A 479 25.53 -17.45 7.63
N GLY A 480 26.66 -17.37 6.94
CA GLY A 480 27.98 -17.16 7.52
C GLY A 480 28.45 -15.73 7.36
N ASP A 481 29.74 -15.49 7.71
CA ASP A 481 30.41 -14.19 7.59
C ASP A 481 29.60 -13.08 8.28
N ARG A 482 29.16 -13.34 9.50
CA ARG A 482 28.39 -12.37 10.24
C ARG A 482 29.31 -11.53 11.07
N HIS A 483 29.30 -10.26 10.79
CA HIS A 483 30.09 -9.25 11.46
C HIS A 483 29.20 -8.03 11.55
N LEU A 484 29.59 -7.05 12.34
CA LEU A 484 28.76 -5.88 12.61
C LEU A 484 28.71 -4.91 11.47
N ASP A 485 29.37 -5.15 10.35
CA ASP A 485 29.21 -4.24 9.18
C ASP A 485 28.03 -4.72 8.32
N ASN A 486 27.66 -6.01 8.45
CA ASN A 486 26.54 -6.52 7.68
C ASN A 486 25.31 -6.88 8.57
N LEU A 487 25.19 -6.17 9.70
CA LEU A 487 24.08 -6.20 10.65
C LEU A 487 23.65 -4.71 10.75
N LEU A 488 22.41 -4.39 10.33
CA LEU A 488 21.92 -3.03 10.25
C LEU A 488 20.80 -2.80 11.22
N LEU A 489 20.64 -1.56 11.68
CA LEU A 489 19.62 -1.19 12.65
C LEU A 489 18.92 0.11 12.25
N THR A 490 17.59 0.18 12.41
CA THR A 490 16.82 1.40 12.15
C THR A 490 16.53 2.05 13.48
N LYS A 491 16.17 3.36 13.45
CA LYS A 491 15.82 4.12 14.65
C LYS A 491 14.44 3.70 15.20
N THR A 492 13.68 2.89 14.42
CA THR A 492 12.36 2.37 14.82
C THR A 492 12.52 1.02 15.58
N GLY A 493 13.76 0.57 15.62
CA GLY A 493 14.19 -0.64 16.32
C GLY A 493 14.40 -1.85 15.44
N LYS A 494 14.28 -1.70 14.12
CA LYS A 494 14.40 -2.85 13.24
C LYS A 494 15.85 -3.31 13.01
N LEU A 495 16.17 -4.53 13.47
CA LEU A 495 17.46 -5.14 13.18
C LEU A 495 17.28 -6.04 11.96
N PHE A 496 18.28 -6.09 11.07
CA PHE A 496 18.29 -6.95 9.90
C PHE A 496 19.71 -7.22 9.38
N HIS A 497 19.87 -8.28 8.56
CA HIS A 497 21.10 -8.74 7.92
C HIS A 497 21.14 -8.37 6.45
N ILE A 498 22.36 -8.17 5.93
CA ILE A 498 22.67 -7.85 4.54
C ILE A 498 23.89 -8.69 4.10
N ASP A 499 24.16 -8.71 2.78
CA ASP A 499 25.30 -9.34 2.11
C ASP A 499 25.36 -10.83 2.44
N PHE A 500 24.69 -11.67 1.62
CA PHE A 500 24.64 -13.10 1.86
C PHE A 500 25.61 -13.86 0.95
N GLY A 501 26.89 -13.48 1.06
CA GLY A 501 28.00 -14.09 0.31
C GLY A 501 28.34 -15.49 0.78
N TYR A 502 28.00 -15.80 2.05
CA TYR A 502 28.24 -17.09 2.68
C TYR A 502 26.92 -17.61 3.28
N ILE A 503 26.42 -18.72 2.76
CA ILE A 503 25.17 -19.34 3.16
C ILE A 503 25.37 -20.85 3.24
N LEU A 504 24.35 -21.56 3.72
CA LEU A 504 24.31 -23.02 3.80
C LEU A 504 25.51 -23.64 4.50
N GLY A 505 25.89 -23.09 5.65
CA GLY A 505 26.97 -23.58 6.49
C GLY A 505 28.38 -23.21 6.11
N ARG A 506 28.51 -22.32 5.12
CA ARG A 506 29.80 -21.83 4.64
C ARG A 506 30.14 -20.56 5.40
N ASP A 507 31.42 -20.40 5.72
CA ASP A 507 31.94 -19.26 6.49
C ASP A 507 33.46 -19.12 6.19
N PRO A 508 34.09 -17.91 6.24
CA PRO A 508 35.55 -17.83 6.04
C PRO A 508 36.36 -18.59 7.12
N LYS A 509 35.84 -18.59 8.36
CA LYS A 509 36.50 -19.25 9.49
C LYS A 509 35.96 -20.67 9.72
N PRO A 510 36.80 -21.65 10.12
CA PRO A 510 36.28 -23.01 10.37
C PRO A 510 35.53 -23.12 11.69
N LEU A 511 34.78 -24.24 11.86
CA LEU A 511 33.91 -24.49 13.01
C LEU A 511 33.01 -23.25 13.36
N PRO A 512 32.21 -22.69 12.41
CA PRO A 512 31.36 -21.54 12.75
C PRO A 512 30.20 -21.92 13.66
N PRO A 513 29.68 -20.98 14.49
CA PRO A 513 28.55 -21.34 15.38
C PRO A 513 27.25 -21.56 14.60
N PRO A 514 26.42 -22.57 14.98
CA PRO A 514 25.15 -22.80 14.25
C PRO A 514 24.12 -21.67 14.40
N MET A 515 24.15 -21.01 15.57
CA MET A 515 23.25 -19.94 15.94
C MET A 515 23.98 -18.62 15.75
N LYS A 516 23.49 -17.82 14.80
CA LYS A 516 24.10 -16.53 14.46
C LYS A 516 23.52 -15.46 15.40
N LEU A 517 24.18 -15.31 16.55
CA LEU A 517 23.80 -14.44 17.66
C LEU A 517 25.06 -13.93 18.37
N ASN A 518 25.18 -12.60 18.53
CA ASN A 518 26.33 -11.95 19.17
C ASN A 518 25.98 -11.23 20.50
N LYS A 519 27.01 -10.81 21.27
CA LYS A 519 26.79 -10.14 22.56
C LYS A 519 26.20 -8.72 22.41
N GLU A 520 26.41 -8.08 21.24
CA GLU A 520 25.89 -6.75 20.94
C GLU A 520 24.36 -6.78 20.88
N MET A 521 23.79 -7.85 20.24
CA MET A 521 22.36 -8.07 20.10
C MET A 521 21.74 -8.30 21.48
N VAL A 522 22.35 -9.23 22.26
CA VAL A 522 21.92 -9.62 23.61
C VAL A 522 21.95 -8.41 24.55
N GLU A 523 23.02 -7.59 24.48
CA GLU A 523 23.13 -6.36 25.28
C GLU A 523 22.08 -5.30 24.88
N GLY A 524 21.58 -5.35 23.65
CA GLY A 524 20.55 -4.46 23.12
C GLY A 524 19.22 -4.67 23.79
N MET A 525 18.87 -5.93 24.10
CA MET A 525 17.62 -6.28 24.79
C MET A 525 17.70 -5.84 26.27
N GLY A 526 18.90 -5.91 26.83
CA GLY A 526 19.18 -5.56 28.22
C GLY A 526 19.80 -6.70 29.00
N GLY A 527 20.53 -7.57 28.31
CA GLY A 527 21.18 -8.71 28.94
C GLY A 527 20.28 -9.93 29.06
N THR A 528 20.86 -11.04 29.55
CA THR A 528 20.16 -12.32 29.70
C THR A 528 19.18 -12.37 30.91
N GLN A 529 19.26 -11.40 31.85
CA GLN A 529 18.36 -11.35 33.01
C GLN A 529 17.09 -10.51 32.76
N SER A 530 17.01 -9.89 31.56
CA SER A 530 15.92 -9.04 31.11
C SER A 530 14.68 -9.80 30.73
N GLU A 531 13.51 -9.13 30.87
CA GLU A 531 12.23 -9.70 30.46
C GLU A 531 12.24 -9.80 28.93
N GLN A 532 12.96 -8.87 28.26
CA GLN A 532 13.14 -8.80 26.80
C GLN A 532 13.84 -10.05 26.28
N TYR A 533 14.84 -10.55 27.03
CA TYR A 533 15.54 -11.78 26.66
C TYR A 533 14.59 -12.99 26.59
N GLN A 534 13.74 -13.17 27.63
CA GLN A 534 12.74 -14.26 27.73
C GLN A 534 11.76 -14.17 26.55
N GLU A 535 11.35 -12.92 26.23
CA GLU A 535 10.46 -12.61 25.12
C GLU A 535 11.14 -12.96 23.81
N PHE A 536 12.45 -12.67 23.68
CA PHE A 536 13.25 -12.97 22.49
C PHE A 536 13.33 -14.49 22.27
N ARG A 537 13.54 -15.25 23.37
CA ARG A 537 13.60 -16.71 23.37
C ARG A 537 12.25 -17.29 22.90
N LYS A 538 11.13 -16.74 23.43
CA LYS A 538 9.75 -17.13 23.14
C LYS A 538 9.48 -16.97 21.66
N GLN A 539 9.84 -15.80 21.09
CA GLN A 539 9.67 -15.47 19.68
C GLN A 539 10.52 -16.34 18.78
N CYS A 540 11.71 -16.77 19.27
CA CYS A 540 12.59 -17.70 18.56
C CYS A 540 11.93 -19.07 18.41
N TYR A 541 11.20 -19.53 19.44
CA TYR A 541 10.50 -20.81 19.47
C TYR A 541 9.31 -20.82 18.54
N THR A 542 8.49 -19.75 18.62
CA THR A 542 7.26 -19.57 17.84
C THR A 542 7.59 -19.54 16.36
N ALA A 543 8.59 -18.73 15.96
CA ALA A 543 9.07 -18.62 14.59
C ALA A 543 9.53 -19.99 14.07
N PHE A 544 10.38 -20.73 14.86
CA PHE A 544 10.91 -22.05 14.51
C PHE A 544 9.81 -23.07 14.23
N LEU A 545 8.84 -23.19 15.16
CA LEU A 545 7.70 -24.08 15.03
C LEU A 545 6.86 -23.77 13.81
N HIS A 546 6.59 -22.46 13.52
CA HIS A 546 5.81 -22.07 12.34
C HIS A 546 6.59 -22.33 11.06
N LEU A 547 7.91 -22.03 11.04
CA LEU A 547 8.73 -22.26 9.86
C LEU A 547 8.91 -23.76 9.59
N ARG A 548 9.00 -24.58 10.65
CA ARG A 548 9.09 -26.06 10.57
C ARG A 548 7.88 -26.66 9.83
N ARG A 549 6.69 -26.03 10.00
CA ARG A 549 5.44 -26.45 9.36
C ARG A 549 5.46 -26.25 7.85
N TYR A 550 6.25 -25.27 7.37
CA TYR A 550 6.40 -24.98 5.96
C TYR A 550 7.65 -25.62 5.35
N SER A 551 8.23 -26.62 6.05
CA SER A 551 9.43 -27.35 5.63
C SER A 551 9.30 -27.93 4.22
N ASN A 552 8.10 -28.42 3.85
CA ASN A 552 7.85 -29.01 2.54
C ASN A 552 8.03 -28.01 1.42
N LEU A 553 7.44 -26.82 1.57
CA LEU A 553 7.54 -25.71 0.64
C LEU A 553 8.97 -25.17 0.48
N ILE A 554 9.66 -24.93 1.60
CA ILE A 554 11.01 -24.35 1.62
C ILE A 554 12.01 -25.30 0.96
N LEU A 555 11.97 -26.58 1.33
CA LEU A 555 12.86 -27.63 0.79
C LEU A 555 12.60 -27.89 -0.70
N ASN A 556 11.32 -27.80 -1.14
CA ASN A 556 10.95 -27.97 -2.54
C ASN A 556 11.50 -26.81 -3.35
N LEU A 557 11.35 -25.58 -2.83
CA LEU A 557 11.87 -24.37 -3.45
C LEU A 557 13.40 -24.44 -3.59
N PHE A 558 14.11 -24.92 -2.54
CA PHE A 558 15.56 -25.15 -2.60
C PHE A 558 15.92 -26.24 -3.59
N SER A 559 15.07 -27.28 -3.73
CA SER A 559 15.36 -28.40 -4.65
C SER A 559 15.30 -27.95 -6.11
N LEU A 560 14.56 -26.88 -6.39
CA LEU A 560 14.48 -26.31 -7.72
C LEU A 560 15.70 -25.39 -8.03
N MET A 561 16.54 -25.12 -7.02
CA MET A 561 17.71 -24.24 -7.15
C MET A 561 19.05 -24.99 -7.26
N VAL A 562 19.03 -26.30 -7.04
CA VAL A 562 20.19 -27.20 -7.03
C VAL A 562 21.15 -27.02 -8.24
N ASP A 563 20.61 -26.79 -9.44
CA ASP A 563 21.40 -26.67 -10.66
C ASP A 563 21.60 -25.25 -11.15
N ALA A 564 21.16 -24.26 -10.36
CA ALA A 564 21.28 -22.82 -10.63
C ALA A 564 22.72 -22.32 -10.39
N ASN A 565 23.10 -21.21 -11.06
CA ASN A 565 24.43 -20.63 -10.87
C ASN A 565 24.40 -19.68 -9.68
N ILE A 566 24.47 -20.29 -8.47
CA ILE A 566 24.48 -19.66 -7.14
C ILE A 566 25.73 -20.27 -6.55
N PRO A 567 26.77 -19.47 -6.27
CA PRO A 567 28.04 -20.03 -5.80
C PRO A 567 27.98 -21.05 -4.67
N ASP A 568 27.25 -20.73 -3.58
CA ASP A 568 27.21 -21.62 -2.42
C ASP A 568 26.35 -22.87 -2.63
N ILE A 569 25.56 -22.92 -3.74
CA ILE A 569 24.80 -24.11 -4.15
C ILE A 569 25.69 -25.00 -5.06
N ALA A 570 26.28 -24.38 -6.12
CA ALA A 570 27.17 -25.00 -7.11
C ALA A 570 28.37 -25.75 -6.50
N LEU A 571 28.72 -25.44 -5.22
CA LEU A 571 29.79 -26.11 -4.46
C LEU A 571 29.43 -27.55 -4.16
N GLU A 572 28.21 -27.78 -3.62
CA GLU A 572 27.68 -29.10 -3.25
C GLU A 572 26.19 -29.19 -3.66
N PRO A 573 25.85 -29.23 -4.98
CA PRO A 573 24.43 -29.30 -5.38
C PRO A 573 23.62 -30.44 -4.73
N ASP A 574 24.21 -31.64 -4.76
CA ASP A 574 23.74 -32.91 -4.22
C ASP A 574 23.52 -32.90 -2.69
N LYS A 575 24.15 -31.95 -1.98
CA LYS A 575 24.07 -31.81 -0.52
C LYS A 575 23.31 -30.55 -0.05
N THR A 576 22.89 -29.67 -0.99
CA THR A 576 22.25 -28.39 -0.71
C THR A 576 20.95 -28.48 0.14
N VAL A 577 19.97 -29.30 -0.30
CA VAL A 577 18.67 -29.41 0.37
C VAL A 577 18.80 -30.01 1.77
N LYS A 578 19.63 -31.06 1.93
CA LYS A 578 19.86 -31.67 3.24
C LYS A 578 20.42 -30.64 4.26
N LYS A 579 21.29 -29.70 3.80
CA LYS A 579 21.84 -28.63 4.66
C LYS A 579 20.72 -27.79 5.31
N VAL A 580 19.65 -27.47 4.55
CA VAL A 580 18.48 -26.73 5.01
C VAL A 580 17.60 -27.65 5.88
N GLN A 581 17.31 -28.86 5.38
CA GLN A 581 16.49 -29.91 6.00
C GLN A 581 16.88 -30.18 7.44
N ASP A 582 18.19 -30.43 7.69
CA ASP A 582 18.76 -30.72 9.01
C ASP A 582 18.55 -29.60 10.04
N LYS A 583 18.43 -28.34 9.58
CA LYS A 583 18.21 -27.20 10.48
C LYS A 583 16.80 -27.21 11.11
N PHE A 584 15.79 -27.75 10.39
CA PHE A 584 14.40 -27.86 10.87
C PHE A 584 14.28 -28.95 11.94
N ARG A 585 15.26 -29.91 11.97
CA ARG A 585 15.30 -31.04 12.88
C ARG A 585 13.93 -31.67 12.91
N LEU A 586 13.45 -32.08 11.71
CA LEU A 586 12.13 -32.67 11.52
C LEU A 586 11.97 -34.05 12.17
N ASP A 587 13.02 -34.51 12.86
CA ASP A 587 13.06 -35.78 13.60
C ASP A 587 12.37 -35.59 14.97
N LEU A 588 12.46 -34.37 15.52
CA LEU A 588 11.93 -33.96 16.82
C LEU A 588 10.47 -33.53 16.79
N SER A 589 9.78 -33.66 17.95
CA SER A 589 8.40 -33.23 18.16
C SER A 589 8.39 -31.69 18.33
N ASP A 590 7.20 -31.04 18.35
CA ASP A 590 7.08 -29.60 18.58
C ASP A 590 7.72 -29.24 19.93
N GLU A 591 7.36 -29.99 20.99
CA GLU A 591 7.87 -29.86 22.36
C GLU A 591 9.38 -30.11 22.42
N GLU A 592 9.86 -31.12 21.68
CA GLU A 592 11.27 -31.48 21.61
C GLU A 592 12.07 -30.42 20.86
N ALA A 593 11.47 -29.85 19.78
CA ALA A 593 12.04 -28.82 18.94
C ALA A 593 12.29 -27.53 19.71
N VAL A 594 11.32 -27.11 20.56
CA VAL A 594 11.46 -25.89 21.35
C VAL A 594 12.59 -26.03 22.37
N HIS A 595 12.82 -27.26 22.89
CA HIS A 595 13.89 -27.58 23.84
C HIS A 595 15.25 -27.50 23.13
N TYR A 596 15.33 -28.02 21.89
CA TYR A 596 16.53 -27.99 21.06
C TYR A 596 16.87 -26.54 20.69
N MET A 597 15.83 -25.74 20.33
CA MET A 597 15.97 -24.32 20.01
C MET A 597 16.42 -23.55 21.27
N GLN A 598 15.84 -23.93 22.45
CA GLN A 598 16.16 -23.36 23.77
C GLN A 598 17.61 -23.62 24.13
N SER A 599 18.07 -24.87 23.95
CA SER A 599 19.45 -25.29 24.21
C SER A 599 20.46 -24.58 23.26
N LEU A 600 20.08 -24.40 21.96
CA LEU A 600 20.92 -23.74 20.94
C LEU A 600 21.20 -22.29 21.25
N ILE A 601 20.20 -21.55 21.78
CA ILE A 601 20.34 -20.15 22.17
C ILE A 601 21.31 -20.07 23.36
N ASP A 602 21.09 -20.93 24.41
CA ASP A 602 21.92 -21.02 25.63
C ASP A 602 23.38 -21.35 25.31
N GLU A 603 23.60 -22.38 24.46
CA GLU A 603 24.93 -22.83 24.02
C GLU A 603 25.67 -21.76 23.24
N SER A 604 24.93 -20.87 22.57
CA SER A 604 25.47 -19.76 21.78
C SER A 604 25.75 -18.55 22.69
N VAL A 605 24.80 -18.24 23.61
CA VAL A 605 24.87 -17.12 24.54
C VAL A 605 25.94 -17.32 25.63
N HIS A 606 26.26 -18.58 25.97
CA HIS A 606 27.29 -18.91 26.93
C HIS A 606 28.66 -19.02 26.27
N ALA A 607 28.67 -19.26 24.94
CA ALA A 607 29.89 -19.29 24.13
C ALA A 607 30.44 -17.86 23.96
N LEU A 608 29.57 -16.83 24.12
CA LEU A 608 29.93 -15.41 24.07
C LEU A 608 30.78 -15.02 25.31
N PHE A 609 30.99 -15.98 26.24
CA PHE A 609 31.78 -15.79 27.46
C PHE A 609 32.93 -16.81 27.50
N ALA A 610 34.02 -16.47 26.77
CA ALA A 610 35.26 -17.23 26.66
C ALA A 610 36.39 -16.31 26.19
N MET B 26 4.19 44.43 30.98
CA MET B 26 3.13 44.77 30.05
C MET B 26 1.73 44.63 30.67
N GLY B 27 0.69 44.75 29.84
CA GLY B 27 -0.71 44.65 30.25
C GLY B 27 -1.03 43.31 30.90
N SER B 28 -1.71 43.36 32.05
CA SER B 28 -2.05 42.17 32.83
C SER B 28 -3.43 41.58 32.50
N GLY B 29 -4.45 42.44 32.41
CA GLY B 29 -5.84 42.06 32.14
C GLY B 29 -6.21 41.91 30.68
N ILE B 30 -5.74 42.85 29.83
CA ILE B 30 -5.99 42.85 28.39
C ILE B 30 -5.25 41.71 27.66
N ARG B 31 -4.16 41.17 28.28
CA ARG B 31 -3.39 40.04 27.76
C ARG B 31 -4.29 38.81 27.76
N ASP B 32 -5.10 38.63 28.83
CA ASP B 32 -6.08 37.56 28.97
C ASP B 32 -7.20 37.78 27.93
N GLN B 33 -7.60 39.06 27.72
CA GLN B 33 -8.63 39.48 26.76
C GLN B 33 -8.17 39.30 25.31
N LEU B 34 -6.85 39.29 25.08
CA LEU B 34 -6.26 39.08 23.76
C LEU B 34 -6.28 37.60 23.41
N ASN B 35 -5.91 36.72 24.37
CA ASN B 35 -5.88 35.25 24.20
C ASN B 35 -7.24 34.66 23.91
N ILE B 36 -8.33 35.36 24.30
CA ILE B 36 -9.72 34.95 24.03
C ILE B 36 -10.07 35.27 22.56
N ILE B 37 -9.71 36.48 22.09
CA ILE B 37 -9.95 36.96 20.71
C ILE B 37 -9.14 36.12 19.66
N VAL B 38 -7.92 35.66 20.00
CA VAL B 38 -7.08 34.86 19.08
C VAL B 38 -7.51 33.38 19.02
N SER B 39 -8.06 32.83 20.13
CA SER B 39 -8.54 31.45 20.27
C SER B 39 -9.82 31.16 19.46
N TYR B 40 -10.55 32.22 19.09
CA TYR B 40 -11.80 32.22 18.33
C TYR B 40 -11.75 31.30 17.09
N PRO B 41 -12.89 30.69 16.67
CA PRO B 41 -12.89 29.89 15.44
C PRO B 41 -12.61 30.80 14.23
N PRO B 42 -12.06 30.29 13.11
CA PRO B 42 -11.75 31.16 11.94
C PRO B 42 -12.88 32.03 11.41
N THR B 43 -14.13 31.62 11.65
CA THR B 43 -15.37 32.21 11.17
C THR B 43 -16.06 33.16 12.17
N LYS B 44 -15.61 33.18 13.46
CA LYS B 44 -16.17 34.10 14.44
C LYS B 44 -15.88 35.53 13.96
N GLN B 45 -16.96 36.31 13.73
CA GLN B 45 -16.84 37.67 13.24
C GLN B 45 -16.47 38.60 14.36
N LEU B 46 -15.30 39.24 14.23
CA LEU B 46 -14.76 40.18 15.22
C LEU B 46 -15.56 41.47 15.27
N THR B 47 -15.91 41.90 16.48
CA THR B 47 -16.65 43.15 16.67
C THR B 47 -15.72 44.35 16.52
N TYR B 48 -16.29 45.55 16.27
CA TYR B 48 -15.55 46.80 16.09
C TYR B 48 -14.65 47.07 17.28
N GLU B 49 -15.16 46.88 18.50
CA GLU B 49 -14.42 47.00 19.75
C GLU B 49 -13.25 46.00 19.81
N GLU B 50 -13.41 44.79 19.24
CA GLU B 50 -12.37 43.77 19.27
C GLU B 50 -11.34 44.03 18.18
N GLN B 51 -11.78 44.62 17.06
CA GLN B 51 -10.95 44.96 15.90
C GLN B 51 -9.90 46.01 16.31
N ASP B 52 -10.36 47.10 16.96
CA ASP B 52 -9.54 48.24 17.42
C ASP B 52 -8.53 47.88 18.54
N LEU B 53 -8.79 46.75 19.25
CA LEU B 53 -7.96 46.22 20.33
C LEU B 53 -6.76 45.44 19.76
N VAL B 54 -7.04 44.52 18.80
CA VAL B 54 -6.04 43.71 18.09
C VAL B 54 -5.20 44.62 17.22
N TRP B 55 -5.81 45.72 16.74
CA TRP B 55 -5.14 46.72 15.94
C TRP B 55 -4.20 47.55 16.86
N LYS B 56 -4.64 47.90 18.11
CA LYS B 56 -3.80 48.67 19.05
C LYS B 56 -2.54 47.90 19.48
N PHE B 57 -2.71 46.62 19.86
CA PHE B 57 -1.59 45.77 20.29
C PHE B 57 -1.01 44.87 19.16
N ARG B 58 -1.06 45.34 17.88
CA ARG B 58 -0.59 44.58 16.70
C ARG B 58 0.89 44.17 16.72
N TYR B 59 1.75 44.98 17.33
CA TYR B 59 3.16 44.68 17.43
C TYR B 59 3.47 43.68 18.54
N TYR B 60 2.62 43.68 19.61
CA TYR B 60 2.72 42.79 20.77
C TYR B 60 2.06 41.42 20.53
N LEU B 61 1.76 41.10 19.24
CA LEU B 61 1.10 39.87 18.82
C LEU B 61 1.88 39.12 17.73
N THR B 62 2.94 39.73 17.19
CA THR B 62 3.83 39.24 16.12
C THR B 62 4.46 37.87 16.44
N ASN B 63 4.65 37.55 17.74
CA ASN B 63 5.20 36.27 18.21
C ASN B 63 4.15 35.15 18.27
N GLN B 64 2.85 35.53 18.21
CA GLN B 64 1.72 34.60 18.21
C GLN B 64 1.28 34.36 16.75
N GLU B 65 1.57 33.17 16.23
CA GLU B 65 1.23 32.79 14.85
C GLU B 65 -0.27 32.60 14.61
N LYS B 66 -1.05 32.41 15.68
CA LYS B 66 -2.50 32.21 15.63
C LYS B 66 -3.29 33.54 15.67
N ALA B 67 -2.55 34.67 15.75
CA ALA B 67 -3.07 36.04 15.83
C ALA B 67 -3.10 36.71 14.46
N LEU B 68 -2.24 36.28 13.52
CA LEU B 68 -2.11 36.79 12.16
C LEU B 68 -3.45 36.83 11.39
N THR B 69 -4.23 35.73 11.38
CA THR B 69 -5.55 35.71 10.73
C THR B 69 -6.48 36.78 11.33
N LYS B 70 -6.43 36.92 12.67
CA LYS B 70 -7.23 37.89 13.42
C LYS B 70 -6.80 39.35 13.12
N PHE B 71 -5.47 39.57 12.95
CA PHE B 71 -4.91 40.87 12.58
C PHE B 71 -5.31 41.27 11.15
N LEU B 72 -5.19 40.36 10.16
CA LEU B 72 -5.57 40.64 8.77
C LEU B 72 -7.05 41.01 8.57
N LYS B 73 -7.93 40.47 9.44
CA LYS B 73 -9.37 40.73 9.46
C LYS B 73 -9.61 42.20 9.82
N CYS B 74 -8.96 42.67 10.91
CA CYS B 74 -8.99 44.03 11.47
C CYS B 74 -8.62 45.12 10.47
N VAL B 75 -7.72 44.78 9.53
CA VAL B 75 -7.16 45.67 8.52
C VAL B 75 -8.23 46.23 7.59
N ASN B 76 -8.21 47.55 7.40
CA ASN B 76 -9.06 48.27 6.48
C ASN B 76 -8.27 48.28 5.17
N TRP B 77 -8.46 47.21 4.37
CA TRP B 77 -7.77 46.99 3.09
C TRP B 77 -8.09 48.04 2.01
N ASP B 78 -8.93 49.05 2.37
CA ASP B 78 -9.35 50.15 1.50
C ASP B 78 -8.47 51.38 1.71
N LEU B 79 -7.79 51.48 2.88
CA LEU B 79 -6.88 52.57 3.24
C LEU B 79 -5.42 52.19 2.85
N PRO B 80 -4.73 52.94 1.96
CA PRO B 80 -3.39 52.52 1.50
C PRO B 80 -2.30 52.47 2.58
N GLN B 81 -2.29 53.41 3.53
CA GLN B 81 -1.32 53.50 4.64
C GLN B 81 -1.38 52.26 5.55
N GLU B 82 -2.60 51.79 5.85
CA GLU B 82 -2.89 50.63 6.70
C GLU B 82 -2.54 49.34 5.95
N ALA B 83 -2.90 49.26 4.64
CA ALA B 83 -2.56 48.13 3.76
C ALA B 83 -1.04 47.95 3.72
N LYS B 84 -0.27 49.07 3.58
CA LYS B 84 1.20 49.07 3.57
C LYS B 84 1.80 48.53 4.88
N GLN B 85 1.34 49.05 6.03
CA GLN B 85 1.80 48.64 7.35
C GLN B 85 1.40 47.22 7.69
N ALA B 86 0.21 46.79 7.24
CA ALA B 86 -0.28 45.44 7.48
C ALA B 86 0.51 44.42 6.66
N LEU B 87 0.88 44.80 5.42
CA LEU B 87 1.68 43.92 4.56
C LEU B 87 3.13 43.90 5.06
N GLU B 88 3.54 45.00 5.75
CA GLU B 88 4.85 45.08 6.40
C GLU B 88 4.87 44.06 7.54
N LEU B 89 3.80 44.07 8.38
CA LEU B 89 3.61 43.16 9.52
C LEU B 89 3.44 41.71 9.11
N LEU B 90 2.84 41.45 7.93
CA LEU B 90 2.65 40.10 7.40
C LEU B 90 4.05 39.48 7.19
N GLY B 91 4.99 40.31 6.71
CA GLY B 91 6.39 39.96 6.47
C GLY B 91 7.12 39.56 7.73
N LYS B 92 7.24 40.50 8.69
CA LYS B 92 7.90 40.30 9.98
C LYS B 92 7.24 39.22 10.86
N TRP B 93 5.92 38.94 10.65
CA TRP B 93 5.11 38.02 11.45
C TRP B 93 5.60 36.59 11.43
N LYS B 94 5.48 35.90 12.60
CA LYS B 94 5.80 34.49 12.79
C LYS B 94 4.89 33.73 11.82
N PRO B 95 5.47 33.13 10.74
CA PRO B 95 4.64 32.45 9.74
C PRO B 95 3.67 31.47 10.33
N MET B 96 2.45 31.48 9.77
CA MET B 96 1.36 30.63 10.23
C MET B 96 1.43 29.22 9.68
N ASP B 97 0.56 28.36 10.22
CA ASP B 97 0.38 26.97 9.85
C ASP B 97 -0.45 26.88 8.56
N VAL B 98 -0.26 25.80 7.78
CA VAL B 98 -1.01 25.47 6.57
C VAL B 98 -2.54 25.46 6.91
N GLU B 99 -2.90 24.85 8.05
CA GLU B 99 -4.27 24.73 8.60
C GLU B 99 -4.96 26.08 8.67
N ASP B 100 -4.25 27.08 9.21
CA ASP B 100 -4.74 28.43 9.38
C ASP B 100 -4.71 29.20 8.08
N SER B 101 -3.75 28.88 7.19
CA SER B 101 -3.56 29.56 5.90
C SER B 101 -4.75 29.43 4.95
N LEU B 102 -5.48 28.31 5.05
CA LEU B 102 -6.66 28.02 4.21
C LEU B 102 -7.75 29.09 4.33
N GLU B 103 -7.78 29.81 5.46
CA GLU B 103 -8.68 30.92 5.77
C GLU B 103 -8.46 32.08 4.81
N LEU B 104 -7.19 32.35 4.47
CA LEU B 104 -6.78 33.45 3.59
C LEU B 104 -7.17 33.26 2.13
N LEU B 105 -7.63 32.06 1.75
CA LEU B 105 -8.07 31.76 0.40
C LEU B 105 -9.60 31.85 0.24
N SER B 106 -10.31 32.15 1.33
CA SER B 106 -11.77 32.30 1.32
C SER B 106 -12.21 33.62 0.63
N SER B 107 -13.52 33.84 0.55
CA SER B 107 -14.14 35.02 -0.05
C SER B 107 -13.78 36.31 0.70
N HIS B 108 -13.57 36.24 2.04
CA HIS B 108 -13.26 37.40 2.90
C HIS B 108 -11.93 38.08 2.57
N TYR B 109 -11.03 37.41 1.82
CA TYR B 109 -9.72 37.94 1.46
C TYR B 109 -9.58 38.18 -0.04
N THR B 110 -9.37 39.47 -0.40
CA THR B 110 -9.25 39.98 -1.76
C THR B 110 -7.88 40.57 -2.04
N ASN B 111 -7.13 40.95 -1.00
CA ASN B 111 -5.79 41.52 -1.14
C ASN B 111 -4.87 40.52 -1.85
N PRO B 112 -4.33 40.88 -3.05
CA PRO B 112 -3.45 39.94 -3.76
C PRO B 112 -2.23 39.48 -2.97
N THR B 113 -1.63 40.35 -2.14
CA THR B 113 -0.45 39.98 -1.35
C THR B 113 -0.80 38.93 -0.29
N VAL B 114 -1.95 39.12 0.38
CA VAL B 114 -2.45 38.20 1.41
C VAL B 114 -2.78 36.84 0.76
N ARG B 115 -3.25 36.86 -0.49
CA ARG B 115 -3.59 35.64 -1.23
C ARG B 115 -2.32 34.90 -1.72
N ARG B 116 -1.27 35.66 -2.10
CA ARG B 116 0.01 35.09 -2.50
C ARG B 116 0.72 34.49 -1.29
N TYR B 117 0.54 35.12 -0.11
CA TYR B 117 1.11 34.67 1.18
C TYR B 117 0.49 33.34 1.57
N ALA B 118 -0.84 33.20 1.35
CA ALA B 118 -1.61 32.00 1.65
C ALA B 118 -1.08 30.80 0.87
N VAL B 119 -0.76 31.00 -0.43
CA VAL B 119 -0.22 29.99 -1.33
C VAL B 119 1.22 29.64 -0.86
N ALA B 120 2.01 30.68 -0.46
CA ALA B 120 3.37 30.51 0.06
C ALA B 120 3.44 29.60 1.31
N ARG B 121 2.43 29.67 2.20
CA ARG B 121 2.35 28.83 3.40
C ARG B 121 1.87 27.44 3.02
N LEU B 122 0.95 27.38 2.03
CA LEU B 122 0.36 26.15 1.46
C LEU B 122 1.44 25.31 0.75
N ARG B 123 2.48 25.97 0.20
CA ARG B 123 3.63 25.34 -0.44
C ARG B 123 4.45 24.51 0.56
N GLN B 124 4.38 24.84 1.86
CA GLN B 124 5.11 24.16 2.93
C GLN B 124 4.52 22.79 3.25
N ALA B 125 3.26 22.57 2.87
CA ALA B 125 2.58 21.31 3.08
C ALA B 125 3.11 20.28 2.07
N ASP B 126 3.07 19.00 2.46
CA ASP B 126 3.47 17.90 1.58
C ASP B 126 2.22 17.47 0.78
N ASP B 127 2.43 16.78 -0.36
CA ASP B 127 1.36 16.32 -1.24
C ASP B 127 0.29 15.52 -0.51
N GLU B 128 0.69 14.72 0.49
CA GLU B 128 -0.19 13.91 1.33
C GLU B 128 -1.23 14.82 1.99
N ASP B 129 -0.78 15.96 2.56
CA ASP B 129 -1.66 16.94 3.19
C ASP B 129 -2.40 17.72 2.11
N LEU B 130 -1.68 18.22 1.08
CA LEU B 130 -2.24 18.99 -0.03
C LEU B 130 -3.42 18.28 -0.66
N LEU B 131 -3.29 16.98 -0.89
CA LEU B 131 -4.36 16.12 -1.45
C LEU B 131 -5.62 16.12 -0.59
N MET B 132 -5.48 16.13 0.76
N MET B 132 -5.46 16.15 0.76
CA MET B 132 -6.59 16.16 1.70
CA MET B 132 -6.49 16.21 1.80
C MET B 132 -7.35 17.50 1.68
C MET B 132 -7.34 17.48 1.66
N TYR B 133 -6.75 18.56 1.10
CA TYR B 133 -7.42 19.87 0.97
C TYR B 133 -7.84 20.22 -0.46
N LEU B 134 -7.32 19.49 -1.48
CA LEU B 134 -7.53 19.79 -2.90
C LEU B 134 -8.98 20.09 -3.33
N LEU B 135 -9.98 19.32 -2.83
CA LEU B 135 -11.38 19.52 -3.23
C LEU B 135 -11.80 20.97 -2.96
N GLN B 136 -11.49 21.50 -1.75
CA GLN B 136 -11.79 22.87 -1.31
C GLN B 136 -10.93 23.87 -2.03
N LEU B 137 -9.68 23.52 -2.36
CA LEU B 137 -8.80 24.40 -3.12
C LEU B 137 -9.35 24.67 -4.53
N VAL B 138 -9.97 23.67 -5.19
CA VAL B 138 -10.58 23.87 -6.53
C VAL B 138 -11.78 24.85 -6.42
N GLN B 139 -12.54 24.75 -5.32
CA GLN B 139 -13.65 25.65 -5.01
C GLN B 139 -13.12 27.03 -4.69
N ALA B 140 -11.97 27.13 -4.00
CA ALA B 140 -11.36 28.43 -3.66
C ALA B 140 -10.92 29.23 -4.90
N LEU B 141 -10.82 28.57 -6.08
CA LEU B 141 -10.46 29.28 -7.32
C LEU B 141 -11.51 30.35 -7.68
N LYS B 142 -12.79 30.15 -7.28
CA LYS B 142 -13.81 31.14 -7.59
C LYS B 142 -13.65 32.47 -6.77
N TYR B 143 -12.62 32.49 -5.87
CA TYR B 143 -12.28 33.68 -5.06
C TYR B 143 -11.00 34.34 -5.56
N GLU B 144 -10.38 33.73 -6.57
CA GLU B 144 -9.14 34.18 -7.17
C GLU B 144 -9.41 35.25 -8.22
N ASN B 145 -8.34 35.83 -8.78
CA ASN B 145 -8.42 36.85 -9.82
C ASN B 145 -8.59 36.12 -11.15
N PHE B 146 -9.79 36.22 -11.74
CA PHE B 146 -10.16 35.56 -13.00
C PHE B 146 -9.34 36.05 -14.19
N ASP B 147 -8.92 37.32 -14.14
CA ASP B 147 -8.11 37.90 -15.21
C ASP B 147 -6.70 37.31 -15.24
N ASP B 148 -6.08 37.09 -14.07
CA ASP B 148 -4.72 36.52 -13.98
C ASP B 148 -4.69 35.10 -14.54
N ILE B 149 -5.74 34.29 -14.20
CA ILE B 149 -5.94 32.93 -14.68
C ILE B 149 -5.98 32.97 -16.23
N LYS B 150 -6.79 33.88 -16.80
CA LYS B 150 -6.95 34.10 -18.23
C LYS B 150 -5.62 34.49 -18.89
N ASN B 151 -4.92 35.52 -18.35
CA ASN B 151 -3.67 36.09 -18.88
C ASN B 151 -2.47 35.17 -18.83
N GLY B 152 -2.57 34.09 -18.07
CA GLY B 152 -1.51 33.09 -17.99
C GLY B 152 -1.50 32.13 -19.17
N LEU B 153 -2.51 32.24 -20.05
CA LEU B 153 -2.64 31.41 -21.24
C LEU B 153 -1.80 31.94 -22.40
N GLU B 154 -1.72 31.22 -23.53
CA GLU B 154 -0.96 31.65 -24.71
C GLU B 154 -1.80 31.57 -26.01
N PRO B 155 -1.45 32.34 -27.07
CA PRO B 155 -2.26 32.29 -28.31
C PRO B 155 -2.31 30.93 -29.02
N LEU B 209 4.36 35.84 -2.26
CA LEU B 209 5.43 35.49 -3.20
C LEU B 209 5.00 35.67 -4.69
N GLU B 210 5.40 34.75 -5.60
CA GLU B 210 5.17 34.89 -7.05
C GLU B 210 4.13 33.94 -7.66
N GLN B 211 3.46 33.09 -6.84
CA GLN B 211 2.48 32.15 -7.38
C GLN B 211 1.08 32.33 -6.82
N ASP B 212 0.05 32.33 -7.72
CA ASP B 212 -1.36 32.35 -7.32
C ASP B 212 -1.85 30.89 -7.13
N LEU B 213 -3.11 30.68 -6.71
CA LEU B 213 -3.66 29.34 -6.46
C LEU B 213 -3.70 28.45 -7.72
N CYS B 214 -4.02 29.05 -8.88
CA CYS B 214 -4.07 28.33 -10.15
C CYS B 214 -2.66 27.85 -10.52
N THR B 215 -1.65 28.77 -10.55
CA THR B 215 -0.27 28.42 -10.87
C THR B 215 0.28 27.35 -9.93
N PHE B 216 0.01 27.49 -8.62
CA PHE B 216 0.45 26.55 -7.59
C PHE B 216 -0.12 25.15 -7.79
N LEU B 217 -1.46 25.05 -7.95
CA LEU B 217 -2.13 23.76 -8.12
C LEU B 217 -1.63 23.07 -9.41
N ILE B 218 -1.56 23.80 -10.54
CA ILE B 218 -1.03 23.21 -11.78
C ILE B 218 0.45 22.80 -11.60
N SER B 219 1.25 23.66 -10.92
CA SER B 219 2.67 23.36 -10.65
C SER B 219 2.85 22.02 -9.92
N ARG B 220 2.07 21.81 -8.86
CA ARG B 220 2.12 20.63 -8.03
C ARG B 220 1.62 19.38 -8.76
N ALA B 221 0.57 19.55 -9.59
CA ALA B 221 -0.07 18.51 -10.39
C ALA B 221 0.93 17.93 -11.41
N CYS B 222 1.79 18.78 -12.01
CA CYS B 222 2.83 18.39 -12.97
C CYS B 222 3.93 17.49 -12.38
N LYS B 223 4.07 17.50 -11.03
CA LYS B 223 5.07 16.76 -10.24
C LYS B 223 4.48 15.51 -9.59
N ASN B 224 3.11 15.42 -9.47
CA ASN B 224 2.44 14.30 -8.80
C ASN B 224 1.20 13.87 -9.56
N SER B 225 1.24 12.67 -10.14
CA SER B 225 0.23 11.97 -10.94
C SER B 225 -1.12 11.88 -10.27
N THR B 226 -1.12 11.55 -8.95
CA THR B 226 -2.31 11.39 -8.11
C THR B 226 -3.03 12.75 -8.03
N LEU B 227 -2.25 13.80 -7.72
CA LEU B 227 -2.70 15.19 -7.64
C LEU B 227 -3.22 15.71 -8.97
N ALA B 228 -2.52 15.37 -10.08
CA ALA B 228 -2.92 15.76 -11.43
C ALA B 228 -4.26 15.19 -11.74
N ASN B 229 -4.48 13.89 -11.38
CA ASN B 229 -5.70 13.14 -11.59
C ASN B 229 -6.89 13.79 -10.92
N TYR B 230 -6.81 14.06 -9.58
CA TYR B 230 -7.89 14.76 -8.86
C TYR B 230 -8.05 16.22 -9.30
N LEU B 231 -6.97 16.92 -9.64
CA LEU B 231 -7.14 18.29 -10.16
C LEU B 231 -7.95 18.25 -11.47
N TYR B 232 -7.71 17.20 -12.30
CA TYR B 232 -8.43 17.07 -13.57
C TYR B 232 -9.93 16.84 -13.37
N TRP B 233 -10.29 15.81 -12.59
CA TRP B 233 -11.68 15.45 -12.34
C TRP B 233 -12.41 16.50 -11.55
N TYR B 234 -11.74 17.16 -10.60
CA TYR B 234 -12.41 18.23 -9.84
C TYR B 234 -12.76 19.45 -10.71
N VAL B 235 -11.83 19.86 -11.60
CA VAL B 235 -12.03 21.00 -12.53
C VAL B 235 -13.01 20.65 -13.67
N ILE B 236 -12.88 19.47 -14.31
CA ILE B 236 -13.79 19.05 -15.39
C ILE B 236 -15.28 19.06 -14.93
N VAL B 237 -15.58 18.62 -13.70
CA VAL B 237 -16.95 18.63 -13.13
C VAL B 237 -17.43 20.05 -12.94
N GLU B 238 -16.55 20.98 -12.48
CA GLU B 238 -16.89 22.39 -12.34
C GLU B 238 -17.09 23.06 -13.71
N CYS B 239 -16.40 22.57 -14.79
CA CYS B 239 -16.56 23.06 -16.17
C CYS B 239 -17.92 22.61 -16.71
N GLU B 240 -18.27 21.32 -16.47
CA GLU B 240 -19.50 20.67 -16.91
C GLU B 240 -20.75 21.27 -16.25
N ASP B 241 -20.64 21.76 -15.00
CA ASP B 241 -21.74 22.30 -14.21
C ASP B 241 -22.60 23.33 -14.98
N GLN B 242 -23.83 22.91 -15.33
CA GLN B 242 -24.78 23.72 -16.09
C GLN B 242 -25.49 24.80 -15.25
N ASP B 243 -25.50 24.63 -13.91
CA ASP B 243 -26.07 25.60 -12.97
C ASP B 243 -25.14 26.83 -12.92
N THR B 244 -23.83 26.57 -12.85
CA THR B 244 -22.81 27.61 -12.83
C THR B 244 -22.79 28.30 -14.18
N GLN B 245 -22.84 27.52 -15.27
CA GLN B 245 -22.81 28.02 -16.65
C GLN B 245 -23.81 29.15 -16.87
N GLN B 246 -25.05 28.98 -16.37
CA GLN B 246 -26.14 29.94 -16.52
C GLN B 246 -26.16 31.06 -15.45
N ARG B 247 -25.96 30.69 -14.17
CA ARG B 247 -25.99 31.62 -13.02
C ARG B 247 -24.76 32.50 -12.90
N ASP B 248 -23.55 31.95 -13.16
CA ASP B 248 -22.26 32.65 -13.08
C ASP B 248 -21.43 32.33 -14.33
N PRO B 249 -21.74 32.87 -15.53
CA PRO B 249 -20.94 32.53 -16.72
C PRO B 249 -19.47 32.91 -16.58
N LYS B 250 -19.17 33.90 -15.70
CA LYS B 250 -17.81 34.35 -15.39
C LYS B 250 -17.00 33.24 -14.71
N THR B 251 -17.58 32.58 -13.66
CA THR B 251 -16.99 31.46 -12.93
C THR B 251 -16.81 30.23 -13.84
N HIS B 252 -17.83 29.93 -14.67
CA HIS B 252 -17.80 28.85 -15.64
C HIS B 252 -16.61 29.03 -16.60
N GLU B 253 -16.39 30.27 -17.10
CA GLU B 253 -15.28 30.53 -18.02
C GLU B 253 -13.92 30.47 -17.31
N MET B 254 -13.90 30.85 -16.01
CA MET B 254 -12.70 30.77 -15.20
C MET B 254 -12.24 29.33 -15.14
N TYR B 255 -13.17 28.38 -14.90
CA TYR B 255 -12.83 26.96 -14.82
C TYR B 255 -12.41 26.40 -16.14
N LEU B 256 -13.03 26.83 -17.25
CA LEU B 256 -12.62 26.38 -18.58
C LEU B 256 -11.18 26.78 -18.78
N ASN B 257 -10.82 28.01 -18.38
CA ASN B 257 -9.47 28.57 -18.41
C ASN B 257 -8.51 27.78 -17.54
N VAL B 258 -8.91 27.38 -16.28
CA VAL B 258 -8.10 26.54 -15.37
C VAL B 258 -7.73 25.24 -16.09
N MET B 259 -8.72 24.63 -16.78
CA MET B 259 -8.49 23.43 -17.57
C MET B 259 -7.55 23.70 -18.75
N ARG B 260 -7.69 24.85 -19.43
CA ARG B 260 -6.84 25.21 -20.57
C ARG B 260 -5.37 25.41 -20.11
N ARG B 261 -5.21 26.05 -18.93
CA ARG B 261 -3.94 26.38 -18.26
C ARG B 261 -3.27 25.10 -17.85
N PHE B 262 -4.04 24.13 -17.33
CA PHE B 262 -3.57 22.80 -16.93
C PHE B 262 -3.06 22.00 -18.14
N SER B 263 -3.86 21.96 -19.23
CA SER B 263 -3.53 21.29 -20.50
C SER B 263 -2.28 21.87 -21.12
N GLN B 264 -2.13 23.21 -21.07
CA GLN B 264 -0.97 23.96 -21.61
C GLN B 264 0.31 23.57 -20.87
N ALA B 265 0.26 23.61 -19.55
CA ALA B 265 1.34 23.27 -18.63
C ALA B 265 1.80 21.82 -18.89
N LEU B 266 0.84 20.89 -19.06
CA LEU B 266 1.15 19.48 -19.34
C LEU B 266 1.95 19.32 -20.64
N LEU B 267 1.58 20.07 -21.71
CA LEU B 267 2.26 19.99 -23.01
C LEU B 267 3.62 20.68 -23.04
N LYS B 268 3.85 21.64 -22.13
CA LYS B 268 5.15 22.35 -22.00
C LYS B 268 6.16 21.56 -21.15
N GLY B 269 5.69 20.56 -20.39
CA GLY B 269 6.50 19.74 -19.51
C GLY B 269 7.42 18.72 -20.16
N ASP B 270 8.10 17.95 -19.32
CA ASP B 270 9.05 16.92 -19.76
C ASP B 270 8.30 15.62 -20.23
N LYS B 271 9.03 14.54 -20.62
CA LYS B 271 8.48 13.28 -21.15
C LYS B 271 7.46 12.68 -20.22
N SER B 272 7.77 12.67 -18.91
CA SER B 272 6.89 12.15 -17.83
C SER B 272 5.63 12.98 -17.69
N VAL B 273 5.77 14.33 -17.80
CA VAL B 273 4.68 15.28 -17.65
C VAL B 273 3.71 15.25 -18.86
N ARG B 274 4.28 15.26 -20.10
CA ARG B 274 3.52 15.25 -21.35
C ARG B 274 2.64 14.02 -21.55
N VAL B 275 2.99 12.82 -20.99
CA VAL B 275 2.12 11.64 -21.11
C VAL B 275 0.97 11.65 -20.10
N MET B 276 1.09 12.44 -19.01
CA MET B 276 0.01 12.57 -18.04
C MET B 276 -1.24 13.08 -18.77
N ARG B 277 -1.06 13.96 -19.77
CA ARG B 277 -2.16 14.51 -20.56
C ARG B 277 -2.88 13.42 -21.40
N SER B 278 -2.13 12.50 -21.99
CA SER B 278 -2.73 11.39 -22.74
C SER B 278 -3.45 10.45 -21.78
N LEU B 279 -2.87 10.23 -20.57
CA LEU B 279 -3.47 9.41 -19.50
C LEU B 279 -4.79 10.00 -19.00
N LEU B 280 -4.85 11.33 -18.78
CA LEU B 280 -6.10 11.99 -18.37
C LEU B 280 -7.13 11.89 -19.49
N ALA B 281 -6.70 12.05 -20.75
CA ALA B 281 -7.56 11.97 -21.94
C ALA B 281 -8.12 10.55 -22.15
N ALA B 282 -7.30 9.52 -21.89
CA ALA B 282 -7.70 8.12 -22.03
C ALA B 282 -8.77 7.73 -21.01
N GLN B 283 -8.65 8.23 -19.75
CA GLN B 283 -9.63 8.00 -18.67
C GLN B 283 -10.91 8.75 -18.98
N GLN B 284 -10.81 9.95 -19.60
CA GLN B 284 -11.98 10.71 -19.99
C GLN B 284 -12.79 9.96 -21.04
N THR B 285 -12.11 9.30 -22.01
CA THR B 285 -12.75 8.50 -23.07
C THR B 285 -13.39 7.25 -22.47
N PHE B 286 -12.68 6.56 -21.57
CA PHE B 286 -13.15 5.35 -20.90
C PHE B 286 -14.48 5.62 -20.14
N VAL B 287 -14.53 6.74 -19.41
CA VAL B 287 -15.70 7.17 -18.65
C VAL B 287 -16.84 7.48 -19.62
N ASP B 288 -16.54 8.16 -20.73
CA ASP B 288 -17.52 8.51 -21.76
C ASP B 288 -18.16 7.28 -22.38
N ARG B 289 -17.35 6.23 -22.63
CA ARG B 289 -17.77 4.94 -23.21
C ARG B 289 -18.63 4.18 -22.20
N LEU B 290 -18.28 4.28 -20.89
CA LEU B 290 -19.02 3.66 -19.79
C LEU B 290 -20.40 4.31 -19.63
N VAL B 291 -20.48 5.65 -19.80
CA VAL B 291 -21.73 6.43 -19.73
C VAL B 291 -22.68 5.97 -20.83
N HIS B 292 -22.13 5.75 -22.02
CA HIS B 292 -22.85 5.27 -23.19
C HIS B 292 -23.33 3.83 -22.97
N LEU B 293 -22.47 2.97 -22.42
CA LEU B 293 -22.79 1.57 -22.08
C LEU B 293 -24.00 1.49 -21.13
N MET B 294 -24.01 2.32 -20.05
CA MET B 294 -25.13 2.39 -19.12
C MET B 294 -26.41 2.73 -19.87
N LYS B 295 -26.35 3.65 -20.84
CA LYS B 295 -27.51 4.06 -21.67
C LYS B 295 -27.95 2.96 -22.62
N ALA B 296 -26.98 2.26 -23.22
CA ALA B 296 -27.25 1.14 -24.14
C ALA B 296 -28.09 0.04 -23.42
N VAL B 297 -27.82 -0.23 -22.13
CA VAL B 297 -28.53 -1.21 -21.31
C VAL B 297 -30.01 -0.81 -21.06
N GLN B 298 -30.24 0.49 -20.76
CA GLN B 298 -31.55 1.08 -20.46
C GLN B 298 -32.44 1.40 -21.69
N ARG B 299 -31.88 1.29 -22.93
CA ARG B 299 -32.56 1.58 -24.22
C ARG B 299 -33.95 0.92 -24.32
N GLU B 300 -34.02 -0.35 -23.86
CA GLU B 300 -35.21 -1.20 -23.91
C GLU B 300 -35.69 -1.68 -22.50
N SER B 301 -36.96 -2.14 -22.44
CA SER B 301 -37.62 -2.67 -21.26
C SER B 301 -37.15 -4.11 -21.14
N GLY B 302 -36.89 -4.55 -19.92
CA GLY B 302 -36.41 -5.90 -19.66
C GLY B 302 -36.19 -6.15 -18.19
N ASN B 303 -36.26 -7.44 -17.80
CA ASN B 303 -36.04 -7.98 -16.46
C ASN B 303 -34.66 -7.50 -15.96
N ARG B 304 -34.37 -7.51 -14.65
CA ARG B 304 -33.01 -7.13 -14.20
C ARG B 304 -31.98 -8.14 -14.74
N LYS B 305 -32.37 -9.43 -14.83
CA LYS B 305 -31.62 -10.56 -15.37
C LYS B 305 -31.24 -10.23 -16.81
N LYS B 306 -32.25 -9.88 -17.66
CA LYS B 306 -32.08 -9.46 -19.06
C LYS B 306 -31.17 -8.22 -19.17
N LYS B 307 -31.29 -7.25 -18.24
CA LYS B 307 -30.47 -6.04 -18.24
C LYS B 307 -29.04 -6.38 -17.88
N ASN B 308 -28.86 -7.31 -16.92
CA ASN B 308 -27.55 -7.78 -16.47
C ASN B 308 -26.85 -8.50 -17.63
N GLU B 309 -27.58 -9.34 -18.37
CA GLU B 309 -27.08 -10.07 -19.52
C GLU B 309 -26.75 -9.10 -20.65
N ARG B 310 -27.47 -7.99 -20.76
CA ARG B 310 -27.26 -6.93 -21.75
C ARG B 310 -25.97 -6.21 -21.41
N LEU B 311 -25.72 -5.96 -20.11
CA LEU B 311 -24.51 -5.28 -19.62
C LEU B 311 -23.26 -6.13 -19.90
N GLN B 312 -23.34 -7.42 -19.54
CA GLN B 312 -22.29 -8.42 -19.67
C GLN B 312 -21.91 -8.66 -21.10
N ALA B 313 -22.90 -8.70 -22.00
CA ALA B 313 -22.68 -8.92 -23.42
C ALA B 313 -21.92 -7.73 -23.98
N LEU B 314 -22.40 -6.49 -23.72
CA LEU B 314 -21.78 -5.25 -24.19
C LEU B 314 -20.35 -5.04 -23.69
N LEU B 315 -20.07 -5.40 -22.41
CA LEU B 315 -18.72 -5.31 -21.85
C LEU B 315 -17.77 -6.37 -22.45
N GLY B 316 -18.33 -7.49 -22.92
CA GLY B 316 -17.61 -8.59 -23.53
C GLY B 316 -17.05 -8.27 -24.90
N ASP B 317 -17.78 -7.43 -25.68
CA ASP B 317 -17.35 -7.01 -27.00
C ASP B 317 -16.44 -5.80 -26.86
N ASN B 318 -15.15 -6.09 -26.72
CA ASN B 318 -14.06 -5.11 -26.59
C ASN B 318 -13.70 -4.45 -27.93
N GLU B 319 -14.16 -5.02 -29.06
CA GLU B 319 -13.93 -4.42 -30.38
C GLU B 319 -14.81 -3.17 -30.51
N LYS B 320 -16.10 -3.27 -30.08
CA LYS B 320 -17.05 -2.18 -30.12
C LYS B 320 -16.95 -1.25 -28.92
N MET B 321 -17.14 -1.78 -27.69
CA MET B 321 -17.17 -1.01 -26.44
C MET B 321 -15.79 -0.61 -25.85
N ASN B 322 -14.72 -1.40 -26.12
CA ASN B 322 -13.34 -1.19 -25.65
C ASN B 322 -13.27 -0.86 -24.15
N LEU B 323 -13.92 -1.68 -23.34
CA LEU B 323 -13.93 -1.48 -21.88
C LEU B 323 -13.39 -2.70 -21.15
N SER B 324 -13.37 -3.86 -21.82
CA SER B 324 -12.91 -5.16 -21.34
C SER B 324 -11.36 -5.28 -21.21
N ASP B 325 -10.59 -4.66 -22.15
CA ASP B 325 -9.11 -4.64 -22.18
C ASP B 325 -8.57 -3.42 -22.93
N VAL B 326 -8.21 -2.40 -22.16
CA VAL B 326 -7.61 -1.09 -22.54
C VAL B 326 -6.13 -1.05 -22.09
N GLU B 327 -5.31 -0.07 -22.59
CA GLU B 327 -3.94 0.12 -22.09
C GLU B 327 -4.10 0.57 -20.62
N LEU B 328 -3.14 0.24 -19.77
CA LEU B 328 -3.20 0.61 -18.36
C LEU B 328 -3.43 2.09 -18.15
N ILE B 329 -4.55 2.40 -17.55
CA ILE B 329 -4.87 3.78 -17.27
C ILE B 329 -5.17 3.90 -15.80
N PRO B 330 -4.93 5.05 -15.14
CA PRO B 330 -5.26 5.14 -13.71
C PRO B 330 -6.78 5.02 -13.50
N LEU B 331 -7.20 4.34 -12.45
CA LEU B 331 -8.61 4.22 -12.13
C LEU B 331 -8.98 5.59 -11.60
N PRO B 332 -9.90 6.34 -12.26
CA PRO B 332 -10.18 7.72 -11.81
C PRO B 332 -10.42 7.83 -10.30
N LEU B 333 -11.12 6.85 -9.73
CA LEU B 333 -11.49 6.73 -8.32
C LEU B 333 -10.29 6.62 -7.35
N GLU B 334 -9.26 5.86 -7.72
CA GLU B 334 -8.03 5.66 -6.96
C GLU B 334 -6.91 5.56 -8.02
N PRO B 335 -6.31 6.70 -8.44
CA PRO B 335 -5.36 6.69 -9.55
C PRO B 335 -4.11 5.82 -9.34
N GLN B 336 -3.71 5.55 -8.07
CA GLN B 336 -2.58 4.67 -7.77
C GLN B 336 -2.86 3.28 -8.34
N VAL B 337 -4.16 2.92 -8.49
CA VAL B 337 -4.63 1.66 -9.05
C VAL B 337 -4.73 1.80 -10.58
N LYS B 338 -3.99 0.96 -11.35
CA LYS B 338 -3.98 0.99 -12.82
C LYS B 338 -4.86 -0.11 -13.34
N ILE B 339 -5.71 0.18 -14.34
CA ILE B 339 -6.70 -0.79 -14.77
C ILE B 339 -6.60 -1.13 -16.26
N ARG B 340 -6.82 -2.43 -16.59
CA ARG B 340 -6.84 -3.09 -17.91
C ARG B 340 -8.25 -3.09 -18.48
N GLY B 341 -9.25 -2.92 -17.64
CA GLY B 341 -10.65 -2.95 -18.04
C GLY B 341 -11.58 -3.39 -16.93
N ILE B 342 -12.81 -3.74 -17.31
CA ILE B 342 -13.88 -4.22 -16.46
C ILE B 342 -14.10 -5.68 -16.87
N ILE B 343 -14.29 -6.58 -15.88
CA ILE B 343 -14.55 -7.99 -16.09
C ILE B 343 -16.02 -8.07 -16.58
N PRO B 344 -16.25 -8.51 -17.84
CA PRO B 344 -17.62 -8.51 -18.37
C PRO B 344 -18.63 -9.39 -17.64
N GLU B 345 -18.27 -10.67 -17.45
CA GLU B 345 -19.15 -11.71 -16.90
C GLU B 345 -19.57 -11.51 -15.44
N THR B 346 -18.88 -10.66 -14.66
CA THR B 346 -19.26 -10.42 -13.25
C THR B 346 -19.96 -9.07 -13.02
N ALA B 347 -20.17 -8.28 -14.08
CA ALA B 347 -20.82 -6.96 -13.98
C ALA B 347 -22.36 -7.08 -13.87
N THR B 348 -22.94 -6.39 -12.89
CA THR B 348 -24.39 -6.41 -12.64
C THR B 348 -24.90 -5.03 -12.28
N LEU B 349 -26.22 -4.90 -12.30
CA LEU B 349 -26.95 -3.70 -11.95
C LEU B 349 -27.61 -3.92 -10.58
N PHE B 350 -27.60 -2.89 -9.74
CA PHE B 350 -28.23 -2.99 -8.42
C PHE B 350 -29.74 -2.86 -8.49
N LYS B 351 -30.45 -3.53 -7.55
CA LYS B 351 -31.89 -3.37 -7.43
C LYS B 351 -32.02 -2.00 -6.73
N SER B 352 -32.24 -0.93 -7.54
CA SER B 352 -32.31 0.47 -7.10
C SER B 352 -32.91 1.31 -8.25
N ALA B 353 -33.65 2.39 -7.95
CA ALA B 353 -34.36 3.22 -8.95
C ALA B 353 -33.54 3.55 -10.19
N LEU B 354 -32.31 4.06 -9.98
CA LEU B 354 -31.41 4.46 -11.05
C LEU B 354 -30.47 3.33 -11.49
N MET B 355 -30.71 2.10 -11.00
CA MET B 355 -29.98 0.88 -11.32
C MET B 355 -28.49 1.17 -11.48
N PRO B 356 -27.78 1.62 -10.43
CA PRO B 356 -26.35 1.84 -10.59
C PRO B 356 -25.66 0.50 -10.85
N ALA B 357 -24.47 0.51 -11.45
CA ALA B 357 -23.76 -0.72 -11.76
C ALA B 357 -22.68 -1.11 -10.78
N GLN B 358 -22.54 -2.43 -10.57
CA GLN B 358 -21.44 -3.02 -9.84
C GLN B 358 -20.53 -3.56 -10.92
N LEU B 359 -19.31 -3.05 -10.98
CA LEU B 359 -18.30 -3.40 -11.99
C LEU B 359 -17.01 -3.73 -11.29
N PHE B 360 -16.36 -4.79 -11.75
CA PHE B 360 -15.09 -5.25 -11.21
C PHE B 360 -13.98 -4.89 -12.17
N PHE B 361 -13.09 -4.05 -11.70
CA PHE B 361 -11.96 -3.63 -12.48
C PHE B 361 -10.83 -4.62 -12.35
N LYS B 362 -10.33 -5.03 -13.51
CA LYS B 362 -9.17 -5.87 -13.73
C LYS B 362 -7.96 -4.96 -13.43
N THR B 363 -7.27 -5.18 -12.30
CA THR B 363 -6.07 -4.43 -11.91
C THR B 363 -4.90 -4.86 -12.84
N GLU B 364 -3.88 -3.99 -12.97
CA GLU B 364 -2.70 -4.30 -13.78
C GLU B 364 -2.05 -5.64 -13.37
N ASP B 365 -2.15 -5.98 -12.07
CA ASP B 365 -1.59 -7.20 -11.52
C ASP B 365 -2.65 -8.31 -11.29
N GLY B 366 -3.62 -8.37 -12.20
CA GLY B 366 -4.65 -9.40 -12.19
C GLY B 366 -5.74 -9.29 -11.15
N GLY B 367 -5.49 -8.56 -10.06
CA GLY B 367 -6.44 -8.33 -8.95
C GLY B 367 -7.76 -7.73 -9.38
N LYS B 368 -8.71 -7.63 -8.45
CA LYS B 368 -10.04 -7.10 -8.72
C LYS B 368 -10.31 -5.89 -7.85
N TYR B 369 -10.89 -4.84 -8.44
CA TYR B 369 -11.26 -3.64 -7.69
C TYR B 369 -12.76 -3.39 -7.96
N PRO B 370 -13.67 -3.75 -7.01
CA PRO B 370 -15.11 -3.52 -7.27
C PRO B 370 -15.48 -2.07 -7.03
N VAL B 371 -16.32 -1.55 -7.95
CA VAL B 371 -16.81 -0.17 -7.92
C VAL B 371 -18.33 -0.15 -8.11
N ILE B 372 -18.93 1.00 -7.76
CA ILE B 372 -20.31 1.30 -7.99
C ILE B 372 -20.24 2.43 -9.02
N PHE B 373 -20.91 2.27 -10.17
CA PHE B 373 -20.98 3.32 -11.15
C PHE B 373 -22.44 3.87 -11.18
N LYS B 374 -22.60 5.05 -10.60
CA LYS B 374 -23.85 5.76 -10.39
C LYS B 374 -24.02 6.76 -11.51
N HIS B 375 -25.11 6.67 -12.25
CA HIS B 375 -25.46 7.49 -13.41
C HIS B 375 -26.84 8.10 -13.20
N GLY B 376 -27.01 9.33 -13.67
CA GLY B 376 -28.24 10.08 -13.53
C GLY B 376 -28.50 10.64 -12.14
N ASP B 377 -27.41 10.92 -11.39
CA ASP B 377 -27.46 11.47 -10.02
C ASP B 377 -26.12 12.10 -9.69
N ASP B 378 -26.13 13.19 -8.86
CA ASP B 378 -24.98 13.99 -8.43
C ASP B 378 -24.27 13.50 -7.12
N LEU B 379 -23.03 13.04 -7.26
CA LEU B 379 -22.22 12.50 -6.15
C LEU B 379 -21.44 13.54 -5.33
N ARG B 380 -21.52 14.84 -5.69
CA ARG B 380 -20.72 15.88 -5.04
C ARG B 380 -20.96 16.04 -3.55
N GLN B 381 -22.21 15.89 -3.07
CA GLN B 381 -22.44 15.98 -1.65
C GLN B 381 -21.77 14.81 -0.89
N ASP B 382 -21.84 13.57 -1.44
CA ASP B 382 -21.20 12.40 -0.84
C ASP B 382 -19.70 12.51 -0.94
N GLN B 383 -19.22 13.00 -2.10
CA GLN B 383 -17.84 13.21 -2.41
C GLN B 383 -17.20 14.15 -1.40
N LEU B 384 -17.88 15.26 -1.03
CA LEU B 384 -17.38 16.16 0.03
C LEU B 384 -17.33 15.43 1.37
N ILE B 385 -18.46 14.82 1.80
CA ILE B 385 -18.57 14.12 3.08
C ILE B 385 -17.53 13.03 3.25
N LEU B 386 -17.32 12.18 2.25
CA LEU B 386 -16.29 11.14 2.32
C LEU B 386 -14.87 11.73 2.38
N GLN B 387 -14.65 12.85 1.71
CA GLN B 387 -13.36 13.57 1.76
C GLN B 387 -13.09 14.07 3.21
N ILE B 388 -14.11 14.58 3.90
CA ILE B 388 -14.01 15.05 5.29
C ILE B 388 -13.83 13.86 6.24
N ILE B 389 -14.55 12.74 6.01
CA ILE B 389 -14.42 11.52 6.85
C ILE B 389 -12.99 10.97 6.77
N SER B 390 -12.42 10.94 5.56
CA SER B 390 -11.05 10.52 5.28
C SER B 390 -10.07 11.39 6.06
N LEU B 391 -10.20 12.74 5.95
CA LEU B 391 -9.40 13.73 6.67
C LEU B 391 -9.49 13.46 8.17
N MET B 392 -10.75 13.33 8.72
CA MET B 392 -10.99 13.04 10.13
C MET B 392 -10.35 11.73 10.55
N ASP B 393 -10.33 10.70 9.67
CA ASP B 393 -9.69 9.42 9.94
C ASP B 393 -8.16 9.57 10.00
N LYS B 394 -7.55 10.26 9.02
CA LYS B 394 -6.12 10.52 8.95
C LYS B 394 -5.64 11.29 10.16
N LEU B 395 -6.41 12.34 10.58
CA LEU B 395 -6.11 13.15 11.76
C LEU B 395 -6.16 12.33 13.04
N LEU B 396 -7.14 11.42 13.17
CA LEU B 396 -7.27 10.55 14.33
C LEU B 396 -6.14 9.53 14.36
N ARG B 397 -5.76 9.00 13.18
CA ARG B 397 -4.68 8.03 13.02
C ARG B 397 -3.35 8.66 13.40
N LYS B 398 -3.17 9.95 13.03
CA LYS B 398 -2.01 10.80 13.30
C LYS B 398 -1.77 10.86 14.81
N GLU B 399 -2.84 11.07 15.60
CA GLU B 399 -2.88 11.14 17.07
C GLU B 399 -2.89 9.73 17.74
N ASN B 400 -2.52 8.67 16.95
CA ASN B 400 -2.46 7.27 17.35
C ASN B 400 -3.82 6.76 17.86
N LEU B 401 -4.86 7.01 17.05
CA LEU B 401 -6.23 6.62 17.34
C LEU B 401 -6.87 6.14 16.03
N ASP B 402 -6.61 4.86 15.68
CA ASP B 402 -7.19 4.17 14.52
C ASP B 402 -8.54 3.64 15.03
N LEU B 403 -9.67 4.27 14.60
CA LEU B 403 -10.98 3.83 15.08
C LEU B 403 -11.68 2.91 14.08
N LYS B 404 -10.90 2.25 13.22
CA LYS B 404 -11.36 1.30 12.22
C LYS B 404 -12.48 1.86 11.34
N LEU B 405 -12.26 3.07 10.77
CA LEU B 405 -13.25 3.74 9.92
C LEU B 405 -13.18 3.29 8.45
N THR B 406 -14.28 3.50 7.70
CA THR B 406 -14.37 3.10 6.30
C THR B 406 -14.55 4.34 5.43
N PRO B 407 -13.50 5.15 5.16
CA PRO B 407 -13.70 6.29 4.28
C PRO B 407 -13.53 5.84 2.83
N TYR B 408 -14.52 5.06 2.32
CA TYR B 408 -14.53 4.55 0.95
C TYR B 408 -14.41 5.71 -0.02
N LYS B 409 -13.67 5.52 -1.12
CA LYS B 409 -13.48 6.56 -2.14
C LYS B 409 -14.77 6.89 -2.91
N VAL B 410 -15.09 8.18 -3.08
CA VAL B 410 -16.19 8.67 -3.91
C VAL B 410 -15.59 9.70 -4.89
N LEU B 411 -15.80 9.52 -6.19
CA LEU B 411 -15.33 10.48 -7.19
C LEU B 411 -16.44 10.79 -8.19
N ALA B 412 -16.87 12.06 -8.26
CA ALA B 412 -17.83 12.47 -9.28
C ALA B 412 -17.01 12.64 -10.61
N THR B 413 -17.49 12.04 -11.71
CA THR B 413 -16.82 12.16 -13.01
C THR B 413 -17.60 13.14 -13.88
N SER B 414 -18.70 13.67 -13.33
CA SER B 414 -19.62 14.65 -13.95
C SER B 414 -20.59 15.14 -12.88
N THR B 415 -21.44 16.11 -13.19
CA THR B 415 -22.49 16.54 -12.22
C THR B 415 -23.67 15.54 -12.26
N LYS B 416 -23.59 14.51 -13.11
CA LYS B 416 -24.64 13.53 -13.37
C LYS B 416 -24.21 12.09 -13.13
N HIS B 417 -22.91 11.82 -12.95
CA HIS B 417 -22.42 10.45 -12.76
C HIS B 417 -21.12 10.39 -11.99
N GLY B 418 -20.72 9.20 -11.59
CA GLY B 418 -19.48 9.00 -10.85
C GLY B 418 -19.24 7.62 -10.31
N PHE B 419 -18.13 7.46 -9.58
CA PHE B 419 -17.73 6.21 -8.98
C PHE B 419 -17.71 6.28 -7.45
N MET B 420 -17.96 5.13 -6.84
CA MET B 420 -17.82 4.89 -5.42
C MET B 420 -17.09 3.56 -5.32
N GLN B 421 -16.21 3.45 -4.33
CA GLN B 421 -15.47 2.24 -4.03
C GLN B 421 -16.43 1.30 -3.26
N PHE B 422 -16.69 0.08 -3.84
CA PHE B 422 -17.56 -0.94 -3.24
C PHE B 422 -16.87 -1.64 -2.11
N ILE B 423 -17.51 -1.66 -0.94
CA ILE B 423 -17.02 -2.29 0.30
C ILE B 423 -17.90 -3.48 0.60
N GLN B 424 -17.27 -4.67 0.71
CA GLN B 424 -18.00 -5.88 1.02
C GLN B 424 -18.41 -5.81 2.49
N SER B 425 -19.73 -5.67 2.68
CA SER B 425 -20.44 -5.48 3.94
C SER B 425 -21.89 -5.88 3.76
N VAL B 426 -22.67 -5.88 4.86
CA VAL B 426 -24.08 -6.24 4.88
C VAL B 426 -24.83 -5.09 5.57
N PRO B 427 -25.93 -4.55 4.97
CA PRO B 427 -26.69 -3.49 5.67
C PRO B 427 -27.25 -4.03 6.98
N VAL B 428 -27.31 -3.20 8.04
CA VAL B 428 -27.78 -3.62 9.38
C VAL B 428 -29.23 -4.12 9.32
N ALA B 429 -30.02 -3.57 8.38
CA ALA B 429 -31.39 -3.96 8.15
C ALA B 429 -31.42 -5.45 7.77
N GLU B 430 -30.49 -5.89 6.90
CA GLU B 430 -30.37 -7.26 6.45
C GLU B 430 -29.79 -8.14 7.55
N VAL B 431 -28.92 -7.56 8.41
CA VAL B 431 -28.32 -8.25 9.56
C VAL B 431 -29.44 -8.70 10.48
N LEU B 432 -30.40 -7.80 10.75
CA LEU B 432 -31.59 -8.07 11.57
C LEU B 432 -32.55 -9.07 10.91
N ASP B 433 -32.73 -8.95 9.58
CA ASP B 433 -33.63 -9.76 8.79
C ASP B 433 -33.24 -11.25 8.71
N THR B 434 -31.95 -11.51 8.51
CA THR B 434 -31.36 -12.82 8.35
C THR B 434 -30.89 -13.41 9.68
N GLU B 435 -30.13 -12.64 10.48
CA GLU B 435 -29.55 -13.19 11.70
C GLU B 435 -30.26 -12.77 13.01
N GLY B 436 -31.03 -11.71 12.96
CA GLY B 436 -31.77 -11.25 14.14
C GLY B 436 -31.13 -10.13 14.94
N SER B 437 -29.79 -10.03 14.90
CA SER B 437 -28.99 -9.03 15.62
C SER B 437 -27.52 -9.02 15.16
N ILE B 438 -26.82 -7.89 15.44
CA ILE B 438 -25.39 -7.67 15.20
C ILE B 438 -24.57 -8.73 15.99
N GLN B 439 -24.99 -9.02 17.26
CA GLN B 439 -24.37 -10.01 18.14
C GLN B 439 -24.43 -11.43 17.55
N ASN B 440 -25.61 -11.84 17.01
CA ASN B 440 -25.82 -13.14 16.39
C ASN B 440 -24.95 -13.26 15.16
N PHE B 441 -24.99 -12.21 14.31
CA PHE B 441 -24.21 -12.05 13.09
C PHE B 441 -22.74 -12.28 13.40
N PHE B 442 -22.20 -11.59 14.43
CA PHE B 442 -20.82 -11.73 14.87
C PHE B 442 -20.54 -13.13 15.42
N ARG B 443 -21.47 -13.71 16.20
CA ARG B 443 -21.32 -15.07 16.73
C ARG B 443 -21.27 -16.09 15.60
N LYS B 444 -21.99 -15.84 14.48
CA LYS B 444 -22.02 -16.71 13.31
C LYS B 444 -20.73 -16.66 12.49
N TYR B 445 -20.30 -15.47 12.03
CA TYR B 445 -19.13 -15.33 11.16
C TYR B 445 -17.76 -15.12 11.89
N ALA B 446 -17.77 -14.93 13.23
CA ALA B 446 -16.53 -14.74 14.00
C ALA B 446 -16.67 -15.23 15.44
N PRO B 447 -16.84 -16.54 15.67
CA PRO B 447 -16.96 -17.03 17.06
C PRO B 447 -15.61 -17.28 17.73
N SER B 448 -15.62 -17.36 19.08
CA SER B 448 -14.48 -17.66 19.98
C SER B 448 -15.08 -17.95 21.35
N GLU B 449 -14.73 -19.11 21.94
CA GLU B 449 -15.28 -19.62 23.22
C GLU B 449 -15.40 -18.59 24.35
N ASN B 450 -14.27 -18.01 24.79
CA ASN B 450 -14.21 -17.08 25.91
C ASN B 450 -14.17 -15.58 25.54
N GLY B 451 -14.42 -15.27 24.27
CA GLY B 451 -14.47 -13.89 23.79
C GLY B 451 -15.76 -13.21 24.25
N PRO B 452 -15.84 -11.85 24.20
CA PRO B 452 -17.08 -11.18 24.66
C PRO B 452 -18.33 -11.64 23.92
N ASN B 453 -19.21 -12.37 24.66
CA ASN B 453 -20.48 -12.97 24.21
C ASN B 453 -20.26 -14.04 23.12
N GLY B 454 -19.13 -14.77 23.23
CA GLY B 454 -18.73 -15.80 22.28
C GLY B 454 -18.29 -15.27 20.93
N ILE B 455 -17.97 -13.95 20.87
CA ILE B 455 -17.54 -13.22 19.66
C ILE B 455 -16.05 -12.92 19.80
N SER B 456 -15.31 -12.89 18.66
CA SER B 456 -13.88 -12.59 18.57
C SER B 456 -13.54 -11.27 19.27
N ALA B 457 -12.48 -11.28 20.11
CA ALA B 457 -12.00 -10.10 20.85
C ALA B 457 -11.62 -8.97 19.88
N GLU B 458 -10.99 -9.34 18.75
CA GLU B 458 -10.57 -8.41 17.71
C GLU B 458 -11.78 -7.84 16.97
N VAL B 459 -12.77 -8.68 16.64
CA VAL B 459 -13.99 -8.28 15.94
C VAL B 459 -14.79 -7.29 16.81
N MET B 460 -14.88 -7.58 18.12
CA MET B 460 -15.59 -6.76 19.11
C MET B 460 -14.93 -5.39 19.35
N ASP B 461 -13.58 -5.36 19.43
CA ASP B 461 -12.80 -4.13 19.62
C ASP B 461 -12.97 -3.25 18.37
N THR B 462 -12.95 -3.86 17.16
CA THR B 462 -13.14 -3.18 15.87
C THR B 462 -14.54 -2.55 15.81
N TYR B 463 -15.55 -3.29 16.29
CA TYR B 463 -16.93 -2.83 16.30
C TYR B 463 -17.15 -1.64 17.26
N VAL B 464 -16.62 -1.74 18.50
CA VAL B 464 -16.72 -0.69 19.52
C VAL B 464 -16.10 0.61 18.99
N LYS B 465 -14.83 0.54 18.49
CA LYS B 465 -14.05 1.62 17.92
C LYS B 465 -14.74 2.30 16.74
N SER B 466 -15.27 1.51 15.76
CA SER B 466 -15.95 2.07 14.58
C SER B 466 -17.27 2.76 14.92
N CYS B 467 -18.00 2.25 15.93
CA CYS B 467 -19.27 2.79 16.42
C CYS B 467 -19.05 4.16 17.03
N ALA B 468 -18.01 4.28 17.87
CA ALA B 468 -17.66 5.51 18.54
C ALA B 468 -17.13 6.54 17.55
N GLY B 469 -16.27 6.09 16.63
CA GLY B 469 -15.70 6.94 15.59
C GLY B 469 -16.79 7.59 14.76
N TYR B 470 -17.74 6.76 14.26
CA TYR B 470 -18.88 7.20 13.45
C TYR B 470 -19.92 7.97 14.25
N CYS B 471 -20.05 7.73 15.58
CA CYS B 471 -20.98 8.48 16.42
C CYS B 471 -20.59 9.93 16.46
N VAL B 472 -19.30 10.20 16.68
CA VAL B 472 -18.76 11.55 16.78
C VAL B 472 -18.75 12.23 15.39
N ILE B 473 -18.27 11.53 14.35
CA ILE B 473 -18.19 12.06 12.98
C ILE B 473 -19.59 12.48 12.41
N THR B 474 -20.62 11.61 12.56
CA THR B 474 -21.95 11.92 12.05
C THR B 474 -22.62 13.02 12.88
N TYR B 475 -22.25 13.12 14.18
CA TYR B 475 -22.70 14.17 15.08
C TYR B 475 -22.17 15.52 14.59
N ILE B 476 -20.85 15.64 14.38
CA ILE B 476 -20.19 16.87 13.90
C ILE B 476 -20.71 17.27 12.52
N LEU B 477 -20.86 16.30 11.60
CA LEU B 477 -21.31 16.60 10.24
C LEU B 477 -22.85 16.74 10.11
N GLY B 478 -23.57 16.55 11.22
CA GLY B 478 -25.02 16.66 11.29
C GLY B 478 -25.77 15.81 10.29
N VAL B 479 -25.29 14.58 10.08
CA VAL B 479 -25.83 13.59 9.16
C VAL B 479 -27.22 13.13 9.58
N GLY B 480 -28.19 13.34 8.70
CA GLY B 480 -29.58 12.94 8.91
C GLY B 480 -29.93 11.71 8.10
N ASP B 481 -31.25 11.35 8.09
CA ASP B 481 -31.82 10.24 7.36
C ASP B 481 -31.10 8.93 7.68
N ARG B 482 -30.89 8.69 8.98
CA ARG B 482 -30.20 7.49 9.42
C ARG B 482 -31.19 6.42 9.68
N HIS B 483 -31.08 5.35 8.92
CA HIS B 483 -31.92 4.17 8.99
C HIS B 483 -30.99 3.00 8.76
N LEU B 484 -31.47 1.78 9.02
CA LEU B 484 -30.63 0.59 8.96
C LEU B 484 -30.32 0.13 7.55
N ASP B 485 -30.78 0.83 6.50
CA ASP B 485 -30.35 0.46 5.13
C ASP B 485 -29.10 1.19 4.76
N ASN B 486 -28.82 2.32 5.46
CA ASN B 486 -27.61 3.09 5.16
C ASN B 486 -26.58 3.04 6.33
N LEU B 487 -26.62 1.93 7.10
CA LEU B 487 -25.69 1.56 8.17
C LEU B 487 -25.21 0.16 7.76
N LEU B 488 -23.90 0.02 7.46
CA LEU B 488 -23.34 -1.23 6.94
C LEU B 488 -22.37 -1.84 7.93
N LEU B 489 -22.23 -3.17 7.89
CA LEU B 489 -21.35 -3.91 8.80
C LEU B 489 -20.53 -4.96 8.06
N THR B 490 -19.25 -5.10 8.42
CA THR B 490 -18.37 -6.14 7.84
C THR B 490 -18.27 -7.26 8.85
N LYS B 491 -17.85 -8.45 8.38
CA LYS B 491 -17.68 -9.63 9.23
C LYS B 491 -16.44 -9.50 10.14
N THR B 492 -15.61 -8.46 9.91
CA THR B 492 -14.42 -8.17 10.73
C THR B 492 -14.75 -7.23 11.90
N GLY B 493 -15.96 -6.67 11.87
CA GLY B 493 -16.45 -5.80 12.93
C GLY B 493 -16.64 -4.36 12.54
N LYS B 494 -16.25 -3.99 11.31
CA LYS B 494 -16.35 -2.60 10.85
C LYS B 494 -17.78 -2.11 10.60
N LEU B 495 -18.27 -1.21 11.45
CA LEU B 495 -19.55 -0.53 11.23
C LEU B 495 -19.22 0.79 10.52
N PHE B 496 -20.06 1.20 9.54
CA PHE B 496 -19.92 2.46 8.81
C PHE B 496 -21.23 2.93 8.20
N HIS B 497 -21.31 4.24 7.85
CA HIS B 497 -22.43 4.93 7.23
C HIS B 497 -22.20 5.18 5.73
N ILE B 498 -23.29 5.22 4.98
CA ILE B 498 -23.34 5.49 3.53
C ILE B 498 -24.50 6.45 3.25
N ASP B 499 -24.52 6.99 2.01
CA ASP B 499 -25.57 7.86 1.46
C ASP B 499 -25.77 9.10 2.32
N PHE B 500 -25.02 10.17 2.03
CA PHE B 500 -25.09 11.40 2.84
C PHE B 500 -25.94 12.46 2.14
N GLY B 501 -27.20 12.11 1.84
CA GLY B 501 -28.19 12.97 1.21
C GLY B 501 -28.67 14.09 2.11
N TYR B 502 -28.57 13.87 3.44
CA TYR B 502 -28.98 14.80 4.49
C TYR B 502 -27.83 15.02 5.47
N ILE B 503 -27.32 16.25 5.52
CA ILE B 503 -26.18 16.64 6.35
C ILE B 503 -26.47 18.00 6.97
N LEU B 504 -25.60 18.43 7.87
CA LEU B 504 -25.64 19.74 8.52
C LEU B 504 -26.98 20.06 9.19
N GLY B 505 -27.52 19.08 9.94
CA GLY B 505 -28.75 19.23 10.70
C GLY B 505 -30.05 19.07 9.95
N ARG B 506 -29.98 18.67 8.68
CA ARG B 506 -31.13 18.44 7.83
C ARG B 506 -31.53 16.95 7.96
N ASP B 507 -32.83 16.69 7.95
CA ASP B 507 -33.39 15.35 8.10
C ASP B 507 -34.81 15.32 7.52
N PRO B 508 -35.27 14.16 6.97
CA PRO B 508 -36.66 14.06 6.48
C PRO B 508 -37.71 14.41 7.55
N LYS B 509 -37.49 13.99 8.82
CA LYS B 509 -38.39 14.18 9.96
C LYS B 509 -37.98 15.37 10.84
N PRO B 510 -38.92 16.15 11.41
CA PRO B 510 -38.52 17.28 12.25
C PRO B 510 -38.04 16.84 13.64
N LEU B 511 -37.41 17.79 14.39
CA LEU B 511 -36.80 17.53 15.70
C LEU B 511 -35.89 16.26 15.69
N PRO B 512 -34.89 16.12 14.74
CA PRO B 512 -34.03 14.92 14.76
C PRO B 512 -33.08 14.91 15.97
N PRO B 513 -32.64 13.71 16.43
CA PRO B 513 -31.70 13.69 17.58
C PRO B 513 -30.30 14.19 17.20
N PRO B 514 -29.62 14.97 18.07
CA PRO B 514 -28.26 15.46 17.72
C PRO B 514 -27.22 14.34 17.62
N MET B 515 -27.46 13.25 18.37
CA MET B 515 -26.64 12.04 18.43
C MET B 515 -27.39 10.89 17.71
N LYS B 516 -26.74 10.38 16.67
N LYS B 516 -26.78 10.37 16.64
CA LYS B 516 -27.21 9.29 15.80
CA LYS B 516 -27.39 9.29 15.87
C LYS B 516 -26.67 7.94 16.31
C LYS B 516 -26.79 7.93 16.25
N LEU B 517 -27.35 7.41 17.35
CA LEU B 517 -26.99 6.16 18.01
C LEU B 517 -28.30 5.41 18.23
N ASN B 518 -28.56 4.37 17.42
CA ASN B 518 -29.75 3.53 17.54
C ASN B 518 -29.56 2.31 18.50
N LYS B 519 -30.66 1.69 18.97
CA LYS B 519 -30.62 0.56 19.91
C LYS B 519 -29.95 -0.70 19.33
N GLU B 520 -29.91 -0.83 18.00
CA GLU B 520 -29.28 -1.96 17.29
C GLU B 520 -27.76 -1.93 17.53
N MET B 521 -27.15 -0.71 17.47
CA MET B 521 -25.72 -0.47 17.71
C MET B 521 -25.38 -0.81 19.15
N VAL B 522 -26.16 -0.26 20.09
CA VAL B 522 -26.00 -0.43 21.54
C VAL B 522 -26.12 -1.92 21.92
N GLU B 523 -27.11 -2.63 21.35
CA GLU B 523 -27.29 -4.07 21.57
C GLU B 523 -26.14 -4.91 20.98
N GLY B 524 -25.45 -4.38 19.98
CA GLY B 524 -24.29 -5.02 19.35
C GLY B 524 -23.10 -5.13 20.29
N MET B 525 -22.88 -4.08 21.11
CA MET B 525 -21.79 -4.06 22.10
C MET B 525 -22.10 -5.04 23.25
N GLY B 526 -23.38 -5.17 23.56
CA GLY B 526 -23.88 -6.04 24.62
C GLY B 526 -24.68 -5.30 25.67
N GLY B 527 -25.32 -4.21 25.24
CA GLY B 527 -26.13 -3.37 26.13
C GLY B 527 -25.34 -2.32 26.89
N THR B 528 -26.05 -1.48 27.65
CA THR B 528 -25.47 -0.38 28.43
C THR B 528 -24.73 -0.83 29.72
N GLN B 529 -24.92 -2.10 30.16
CA GLN B 529 -24.22 -2.62 31.36
C GLN B 529 -22.89 -3.32 31.02
N SER B 530 -22.57 -3.41 29.72
CA SER B 530 -21.37 -4.04 29.18
C SER B 530 -20.11 -3.21 29.36
N GLU B 531 -18.95 -3.89 29.45
CA GLU B 531 -17.67 -3.23 29.51
C GLU B 531 -17.41 -2.55 28.15
N GLN B 532 -17.97 -3.13 27.07
CA GLN B 532 -17.88 -2.62 25.71
C GLN B 532 -18.55 -1.25 25.59
N TYR B 533 -19.69 -1.06 26.29
CA TYR B 533 -20.37 0.23 26.31
C TYR B 533 -19.47 1.35 26.89
N GLN B 534 -18.79 1.07 28.04
CA GLN B 534 -17.83 2.00 28.69
C GLN B 534 -16.66 2.29 27.75
N GLU B 535 -16.16 1.26 27.02
CA GLU B 535 -15.08 1.40 26.03
C GLU B 535 -15.57 2.33 24.96
N PHE B 536 -16.84 2.15 24.50
CA PHE B 536 -17.47 2.93 23.44
C PHE B 536 -17.58 4.41 23.81
N ARG B 537 -18.02 4.70 25.04
CA ARG B 537 -18.15 6.07 25.56
C ARG B 537 -16.76 6.73 25.65
N LYS B 538 -15.77 5.97 26.16
CA LYS B 538 -14.37 6.40 26.31
C LYS B 538 -13.82 6.83 24.97
N GLN B 539 -14.01 5.99 23.93
CA GLN B 539 -13.57 6.24 22.55
C GLN B 539 -14.25 7.42 21.94
N CYS B 540 -15.53 7.64 22.27
CA CYS B 540 -16.30 8.81 21.84
C CYS B 540 -15.64 10.09 22.35
N TYR B 541 -15.24 10.11 23.65
CA TYR B 541 -14.61 11.25 24.31
C TYR B 541 -13.28 11.63 23.72
N THR B 542 -12.37 10.65 23.52
CA THR B 542 -11.06 10.92 22.94
C THR B 542 -11.21 11.43 21.50
N ALA B 543 -12.06 10.74 20.66
CA ALA B 543 -12.34 11.15 19.28
C ALA B 543 -12.83 12.61 19.21
N PHE B 544 -13.72 12.99 20.17
CA PHE B 544 -14.25 14.35 20.24
C PHE B 544 -13.18 15.38 20.58
N LEU B 545 -12.38 15.11 21.64
CA LEU B 545 -11.29 15.98 22.07
C LEU B 545 -10.23 16.13 20.99
N HIS B 546 -9.86 15.04 20.26
CA HIS B 546 -8.87 15.11 19.18
C HIS B 546 -9.43 15.87 17.98
N LEU B 547 -10.72 15.63 17.62
CA LEU B 547 -11.32 16.33 16.49
C LEU B 547 -11.52 17.82 16.79
N ARG B 548 -11.85 18.17 18.06
CA ARG B 548 -12.00 19.55 18.54
C ARG B 548 -10.72 20.36 18.33
N ARG B 549 -9.55 19.70 18.43
CA ARG B 549 -8.22 20.31 18.26
C ARG B 549 -7.97 20.71 16.80
N TYR B 550 -8.61 20.02 15.86
CA TYR B 550 -8.51 20.31 14.43
C TYR B 550 -9.66 21.17 13.92
N SER B 551 -10.39 21.83 14.83
CA SER B 551 -11.54 22.70 14.53
C SER B 551 -11.21 23.79 13.51
N ASN B 552 -9.99 24.35 13.59
CA ASN B 552 -9.54 25.41 12.69
C ASN B 552 -9.47 24.93 11.25
N LEU B 553 -8.85 23.78 11.03
CA LEU B 553 -8.73 23.12 9.73
C LEU B 553 -10.08 22.73 9.12
N ILE B 554 -10.94 22.07 9.92
CA ILE B 554 -12.23 21.57 9.46
C ILE B 554 -13.16 22.72 9.06
N LEU B 555 -13.25 23.76 9.91
CA LEU B 555 -14.07 24.95 9.67
C LEU B 555 -13.58 25.76 8.48
N ASN B 556 -12.26 25.84 8.29
CA ASN B 556 -11.65 26.53 7.14
C ASN B 556 -12.00 25.81 5.87
N LEU B 557 -11.87 24.46 5.88
CA LEU B 557 -12.22 23.60 4.75
C LEU B 557 -13.70 23.75 4.39
N PHE B 558 -14.61 23.78 5.39
CA PHE B 558 -16.03 24.06 5.15
C PHE B 558 -16.28 25.47 4.63
N SER B 559 -15.48 26.47 5.08
CA SER B 559 -15.66 27.85 4.63
C SER B 559 -15.34 28.02 3.13
N LEU B 560 -14.50 27.12 2.60
CA LEU B 560 -14.15 27.13 1.19
C LEU B 560 -15.24 26.43 0.34
N MET B 561 -16.23 25.78 1.00
CA MET B 561 -17.31 25.06 0.33
C MET B 561 -18.65 25.82 0.27
N VAL B 562 -18.73 26.95 0.98
CA VAL B 562 -19.92 27.79 1.13
C VAL B 562 -20.65 28.12 -0.20
N ASP B 563 -19.89 28.36 -1.27
CA ASP B 563 -20.45 28.76 -2.55
C ASP B 563 -20.49 27.66 -3.59
N ALA B 564 -20.14 26.41 -3.19
CA ALA B 564 -20.13 25.21 -4.02
C ALA B 564 -21.55 24.66 -4.26
N ASN B 565 -21.75 23.92 -5.36
CA ASN B 565 -23.04 23.33 -5.67
C ASN B 565 -23.17 21.99 -4.97
N ILE B 566 -23.48 22.07 -3.66
CA ILE B 566 -23.70 20.97 -2.69
C ILE B 566 -25.07 21.33 -2.17
N PRO B 567 -26.10 20.50 -2.41
CA PRO B 567 -27.47 20.86 -2.01
C PRO B 567 -27.64 21.34 -0.58
N ASP B 568 -27.11 20.60 0.42
CA ASP B 568 -27.33 20.97 1.82
C ASP B 568 -26.52 22.18 2.28
N ILE B 569 -25.56 22.65 1.44
CA ILE B 569 -24.80 23.89 1.67
C ILE B 569 -25.54 25.08 1.03
N ALA B 570 -25.91 24.95 -0.27
CA ALA B 570 -26.63 25.93 -1.09
C ALA B 570 -27.97 26.39 -0.47
N LEU B 571 -28.53 25.61 0.49
CA LEU B 571 -29.75 25.93 1.24
C LEU B 571 -29.54 27.12 2.15
N GLU B 572 -28.45 27.11 2.94
CA GLU B 572 -28.06 28.15 3.89
C GLU B 572 -26.54 28.38 3.83
N PRO B 573 -25.98 28.94 2.72
CA PRO B 573 -24.51 29.15 2.65
C PRO B 573 -23.90 29.92 3.83
N ASP B 574 -24.54 31.04 4.17
CA ASP B 574 -24.23 31.98 5.24
C ASP B 574 -24.27 31.35 6.64
N LYS B 575 -24.97 30.21 6.80
CA LYS B 575 -25.15 29.50 8.08
C LYS B 575 -24.40 28.15 8.15
N THR B 576 -23.78 27.71 7.03
CA THR B 576 -23.13 26.41 6.91
C THR B 576 -22.01 26.14 7.95
N VAL B 577 -21.02 27.05 8.07
CA VAL B 577 -19.85 26.87 8.94
C VAL B 577 -20.25 26.87 10.42
N LYS B 578 -21.17 27.78 10.82
CA LYS B 578 -21.65 27.83 12.20
C LYS B 578 -22.30 26.48 12.62
N LYS B 579 -23.04 25.81 11.68
CA LYS B 579 -23.67 24.50 11.94
C LYS B 579 -22.64 23.46 12.39
N VAL B 580 -21.44 23.46 11.76
CA VAL B 580 -20.32 22.56 12.10
C VAL B 580 -19.64 23.04 13.40
N GLN B 581 -19.35 24.35 13.49
CA GLN B 581 -18.70 25.05 14.61
C GLN B 581 -19.36 24.73 15.94
N ASP B 582 -20.70 24.88 16.02
CA ASP B 582 -21.51 24.63 17.22
C ASP B 582 -21.41 23.20 17.74
N LYS B 583 -21.15 22.22 16.85
CA LYS B 583 -21.01 20.82 17.26
C LYS B 583 -19.72 20.55 18.08
N PHE B 584 -18.64 21.31 17.83
CA PHE B 584 -17.37 21.20 18.56
C PHE B 584 -17.49 21.79 19.97
N ARG B 585 -18.51 22.66 20.18
CA ARG B 585 -18.75 23.35 21.45
C ARG B 585 -17.43 23.90 21.97
N LEU B 586 -16.79 24.72 21.13
CA LEU B 586 -15.48 25.31 21.43
C LEU B 586 -15.52 26.34 22.56
N ASP B 587 -16.70 26.51 23.18
CA ASP B 587 -16.92 27.38 24.33
C ASP B 587 -16.47 26.67 25.62
N LEU B 588 -16.59 25.32 25.63
CA LEU B 588 -16.26 24.43 26.75
C LEU B 588 -14.80 24.01 26.80
N SER B 589 -14.33 23.67 28.03
CA SER B 589 -12.98 23.17 28.30
C SER B 589 -12.92 21.70 27.87
N ASP B 590 -11.72 21.06 27.87
CA ASP B 590 -11.56 19.64 27.53
C ASP B 590 -12.41 18.79 28.49
N GLU B 591 -12.28 19.06 29.80
CA GLU B 591 -13.02 18.44 30.92
C GLU B 591 -14.52 18.65 30.78
N GLU B 592 -14.93 19.88 30.42
CA GLU B 592 -16.32 20.27 30.24
C GLU B 592 -16.91 19.59 29.01
N ALA B 593 -16.10 19.48 27.92
CA ALA B 593 -16.46 18.87 26.65
C ALA B 593 -16.78 17.39 26.80
N VAL B 594 -15.95 16.65 27.58
CA VAL B 594 -16.17 15.22 27.81
C VAL B 594 -17.45 14.97 28.58
N HIS B 595 -17.83 15.91 29.47
CA HIS B 595 -19.08 15.85 30.26
C HIS B 595 -20.28 16.07 29.36
N TYR B 596 -20.17 17.04 28.42
CA TYR B 596 -21.20 17.37 27.44
C TYR B 596 -21.40 16.19 26.48
N MET B 597 -20.27 15.57 26.04
CA MET B 597 -20.27 14.40 25.16
C MET B 597 -20.90 13.21 25.92
N GLN B 598 -20.57 13.08 27.22
CA GLN B 598 -21.08 12.05 28.14
C GLN B 598 -22.59 12.17 28.30
N SER B 599 -23.08 13.41 28.54
CA SER B 599 -24.50 13.70 28.68
C SER B 599 -25.27 13.47 27.36
N LEU B 600 -24.67 13.80 26.20
CA LEU B 600 -25.27 13.61 24.86
C LEU B 600 -25.52 12.14 24.51
N ILE B 601 -24.60 11.24 24.90
CA ILE B 601 -24.74 9.80 24.68
C ILE B 601 -25.89 9.29 25.55
N ASP B 602 -25.92 9.67 26.86
CA ASP B 602 -26.96 9.30 27.85
C ASP B 602 -28.35 9.75 27.41
N GLU B 603 -28.47 11.02 26.98
CA GLU B 603 -29.71 11.65 26.52
C GLU B 603 -30.25 10.98 25.27
N SER B 604 -29.36 10.40 24.47
CA SER B 604 -29.69 9.69 23.23
C SER B 604 -30.06 8.24 23.53
N VAL B 605 -29.28 7.57 24.41
CA VAL B 605 -29.48 6.18 24.80
C VAL B 605 -30.78 6.02 25.63
N HIS B 606 -31.11 7.03 26.47
CA HIS B 606 -32.33 7.01 27.28
C HIS B 606 -33.54 7.29 26.40
N ALA B 607 -33.36 8.08 25.34
CA ALA B 607 -34.41 8.44 24.40
C ALA B 607 -34.86 7.21 23.59
N LEU B 608 -33.99 6.18 23.50
CA LEU B 608 -34.26 4.90 22.83
C LEU B 608 -35.29 4.09 23.63
N PHE B 609 -35.72 4.60 24.82
CA PHE B 609 -36.70 3.99 25.72
C PHE B 609 -37.81 4.99 26.04
#